data_9I0S
#
_entry.id   9I0S
#
_cell.length_a   55.153
_cell.length_b   119.450
_cell.length_c   201.917
_cell.angle_alpha   90.000
_cell.angle_beta   90.000
_cell.angle_gamma   90.000
#
_symmetry.space_group_name_H-M   'P 21 21 21'
#
loop_
_entity.id
_entity.type
_entity.pdbx_description
1 polymer 'ATP-dependent DNA helicase'
2 non-polymer 'ZINC ION'
3 non-polymer "ADENOSINE-5'-DIPHOSPHATE"
4 non-polymer 'MAGNESIUM ION'
5 non-polymer 'PHOSPHATE ION'
6 water water
#
_entity_poly.entity_id   1
_entity_poly.type   'polypeptide(L)'
_entity_poly.pdbx_seq_one_letter_code
;MSSPASWNKEDFPWSGKVKDVLQNVFKLQKFRPLQLETINVTMSGKEVFLVMPTGGGKSLCYQLPALCSDGFTLVICPLI
SLMEDQLMVLKQLGISATMLNASSPKEHVKWVHAEMVNKNSKLKLIYVTPEKIAKSKMFMSRLEKAYEARRFTRIAVDEV
HCCSQWGHDFRPDYKALGILKRQFPNASLIGLTATATSHVLKDAQKILCVEKCFTFTASFNRPNLYYEVRQKPSNTEDFI
EDIVKLINGRYKGQSGIIYCFSQKDSEQVTISLQKLGIPAGAYHANMEPEDKTKVHRRWAANEIQVVVATVAFGMGIDKP
DVRFVIHHSMSKSMENYYQESGRAGRDDMKADCILYYGFGDIFRISSMVVMENVGQQKLYEMVSYCQNINKCRRVLIAQH
FDEVWSPEACNKMCDNCCKEISFERKNVTAYCRDLIKILKQAEDLNEKLTPLKLIDSWMGKGASKLRVAGLAPPTLPRED
LEKIIAHFLIQQYLKEDYSFTAYATISYLKVGPKANLLNNEAHVITMRVKK
;
_entity_poly.pdbx_strand_id   A,B
#
loop_
_chem_comp.id
_chem_comp.type
_chem_comp.name
_chem_comp.formula
ADP non-polymer ADENOSINE-5'-DIPHOSPHATE 'C10 H15 N5 O10 P2'
MG non-polymer 'MAGNESIUM ION' 'Mg 2'
PO4 non-polymer 'PHOSPHATE ION' 'O4 P -3'
ZN non-polymer 'ZINC ION' 'Zn 2'
#
# COMPACT_ATOMS: atom_id res chain seq x y z
N MET A 1 -25.54 2.25 -3.30
CA MET A 1 -25.93 1.85 -1.96
C MET A 1 -27.32 1.21 -1.94
N SER A 2 -27.53 0.30 -1.00
CA SER A 2 -28.79 -0.39 -0.82
C SER A 2 -29.74 0.43 0.03
N SER A 3 -31.04 0.15 -0.10
CA SER A 3 -32.03 0.83 0.71
C SER A 3 -32.20 0.09 2.05
N PRO A 4 -32.05 0.76 3.18
CA PRO A 4 -32.24 0.10 4.48
C PRO A 4 -33.68 0.01 4.95
N ALA A 5 -34.61 0.75 4.32
CA ALA A 5 -35.98 0.86 4.82
C ALA A 5 -36.60 -0.48 5.18
N SER A 6 -36.43 -1.49 4.33
CA SER A 6 -37.02 -2.80 4.62
C SER A 6 -36.44 -3.44 5.89
N TRP A 7 -35.25 -3.04 6.30
CA TRP A 7 -34.60 -3.60 7.48
C TRP A 7 -34.88 -2.82 8.75
N ASN A 8 -35.53 -1.66 8.65
CA ASN A 8 -35.84 -0.83 9.81
C ASN A 8 -37.12 -1.34 10.49
N LYS A 9 -37.07 -2.61 10.90
CA LYS A 9 -38.17 -3.23 11.62
C LYS A 9 -37.62 -3.96 12.83
N GLU A 10 -38.47 -4.14 13.83
CA GLU A 10 -38.16 -4.96 15.00
C GLU A 10 -39.04 -6.20 15.07
N ASP A 11 -39.35 -6.81 13.92
CA ASP A 11 -40.20 -7.98 13.85
C ASP A 11 -39.44 -9.20 13.36
N PHE A 12 -38.14 -9.24 13.62
CA PHE A 12 -37.32 -10.40 13.30
C PHE A 12 -37.29 -11.36 14.48
N PRO A 13 -36.96 -12.64 14.23
CA PRO A 13 -36.90 -13.60 15.35
C PRO A 13 -35.98 -13.17 16.49
N TRP A 14 -34.86 -12.53 16.16
CA TRP A 14 -33.89 -12.06 17.13
C TRP A 14 -34.23 -10.69 17.70
N SER A 15 -35.30 -10.05 17.21
CA SER A 15 -35.57 -8.66 17.59
C SER A 15 -35.78 -8.50 19.08
N GLY A 16 -36.43 -9.47 19.73
CA GLY A 16 -36.63 -9.36 21.17
C GLY A 16 -35.32 -9.42 21.93
N LYS A 17 -34.46 -10.38 21.60
CA LYS A 17 -33.15 -10.46 22.24
C LYS A 17 -32.34 -9.19 21.98
N VAL A 18 -32.45 -8.63 20.77
CA VAL A 18 -31.69 -7.44 20.42
C VAL A 18 -32.07 -6.26 21.31
N LYS A 19 -33.37 -6.01 21.45
CA LYS A 19 -33.83 -4.92 22.30
C LYS A 19 -33.48 -5.17 23.76
N ASP A 20 -33.56 -6.43 24.20
CA ASP A 20 -33.05 -6.81 25.51
C ASP A 20 -31.59 -6.42 25.67
N VAL A 21 -30.73 -6.91 24.77
CA VAL A 21 -29.30 -6.68 24.88
C VAL A 21 -29.00 -5.18 24.81
N LEU A 22 -29.65 -4.47 23.90
CA LEU A 22 -29.40 -3.04 23.75
C LEU A 22 -29.64 -2.28 25.05
N GLN A 23 -30.75 -2.58 25.73
CA GLN A 23 -31.09 -1.81 26.93
C GLN A 23 -30.47 -2.34 28.22
N ASN A 24 -30.32 -3.65 28.36
CA ASN A 24 -29.90 -4.20 29.65
C ASN A 24 -28.42 -4.56 29.72
N VAL A 25 -27.72 -4.54 28.59
CA VAL A 25 -26.27 -4.75 28.55
C VAL A 25 -25.54 -3.46 28.20
N PHE A 26 -25.89 -2.87 27.05
CA PHE A 26 -25.30 -1.63 26.58
C PHE A 26 -25.89 -0.39 27.26
N LYS A 27 -27.05 -0.53 27.89
CA LYS A 27 -27.69 0.58 28.61
C LYS A 27 -27.98 1.76 27.67
N LEU A 28 -28.44 1.43 26.47
CA LEU A 28 -28.91 2.39 25.48
C LEU A 28 -30.42 2.23 25.30
N GLN A 29 -31.09 3.33 24.98
CA GLN A 29 -32.56 3.34 24.90
C GLN A 29 -33.06 3.05 23.50
N LYS A 30 -32.51 3.72 22.48
CA LYS A 30 -32.97 3.52 21.12
C LYS A 30 -31.77 3.46 20.17
N PHE A 31 -32.00 2.90 18.99
CA PHE A 31 -30.97 2.84 17.96
C PHE A 31 -30.83 4.17 17.25
N ARG A 32 -29.60 4.51 16.88
CA ARG A 32 -29.36 5.60 15.97
C ARG A 32 -29.62 5.12 14.54
N PRO A 33 -29.79 6.04 13.58
CA PRO A 33 -30.11 5.62 12.22
C PRO A 33 -29.07 4.66 11.66
N LEU A 34 -29.55 3.63 10.96
CA LEU A 34 -28.81 2.57 10.27
C LEU A 34 -28.23 1.55 11.23
N GLN A 35 -28.38 1.74 12.55
CA GLN A 35 -27.90 0.74 13.49
C GLN A 35 -28.75 -0.52 13.43
N LEU A 36 -30.08 -0.36 13.54
CA LEU A 36 -30.98 -1.51 13.50
C LEU A 36 -30.90 -2.23 12.16
N GLU A 37 -30.88 -1.48 11.05
CA GLU A 37 -30.84 -2.09 9.73
C GLU A 37 -29.57 -2.91 9.53
N THR A 38 -28.43 -2.35 9.92
CA THR A 38 -27.16 -3.08 9.79
C THR A 38 -27.15 -4.31 10.68
N ILE A 39 -27.63 -4.17 11.92
CA ILE A 39 -27.70 -5.30 12.84
C ILE A 39 -28.61 -6.40 12.28
N ASN A 40 -29.76 -6.01 11.70
CA ASN A 40 -30.68 -7.01 11.17
C ASN A 40 -30.09 -7.76 9.98
N VAL A 41 -29.28 -7.09 9.16
CA VAL A 41 -28.64 -7.77 8.03
C VAL A 41 -27.61 -8.77 8.52
N THR A 42 -26.78 -8.36 9.49
CA THR A 42 -25.81 -9.27 10.09
C THR A 42 -26.52 -10.42 10.79
N MET A 43 -27.53 -10.11 11.60
CA MET A 43 -28.24 -11.13 12.35
C MET A 43 -28.90 -12.16 11.43
N SER A 44 -29.31 -11.74 10.23
CA SER A 44 -29.82 -12.67 9.23
C SER A 44 -28.72 -13.42 8.51
N GLY A 45 -27.46 -13.23 8.92
CA GLY A 45 -26.37 -14.00 8.37
C GLY A 45 -25.85 -13.50 7.04
N LYS A 46 -26.14 -12.26 6.68
CA LYS A 46 -25.76 -11.71 5.40
C LYS A 46 -24.60 -10.72 5.55
N GLU A 47 -23.92 -10.46 4.43
CA GLU A 47 -22.81 -9.52 4.41
C GLU A 47 -23.31 -8.10 4.28
N VAL A 48 -22.68 -7.18 5.00
CA VAL A 48 -23.11 -5.79 5.04
C VAL A 48 -21.90 -4.88 5.18
N PHE A 49 -21.93 -3.75 4.48
CA PHE A 49 -20.97 -2.68 4.64
C PHE A 49 -21.69 -1.45 5.18
N LEU A 50 -21.15 -0.84 6.23
CA LEU A 50 -21.76 0.31 6.87
C LEU A 50 -20.85 1.52 6.74
N VAL A 51 -21.36 2.58 6.13
CA VAL A 51 -20.67 3.85 6.00
C VAL A 51 -21.35 4.83 6.95
N MET A 52 -20.63 5.24 7.99
CA MET A 52 -21.20 6.09 9.03
C MET A 52 -20.12 7.02 9.56
N PRO A 53 -20.43 8.30 9.77
CA PRO A 53 -19.40 9.23 10.24
C PRO A 53 -18.80 8.79 11.57
N THR A 54 -17.57 9.23 11.82
CA THR A 54 -16.91 8.98 13.09
C THR A 54 -17.76 9.52 14.24
N GLY A 55 -17.87 8.73 15.30
CA GLY A 55 -18.77 9.06 16.39
C GLY A 55 -20.20 8.65 16.17
N GLY A 56 -20.54 8.12 14.98
CA GLY A 56 -21.90 7.78 14.64
C GLY A 56 -22.44 6.57 15.38
N GLY A 57 -21.58 5.70 15.91
CA GLY A 57 -22.09 4.49 16.54
C GLY A 57 -21.91 3.22 15.74
N LYS A 58 -20.79 3.07 15.03
CA LYS A 58 -20.57 1.89 14.20
C LYS A 58 -20.29 0.66 15.03
N SER A 59 -19.51 0.80 16.12
CA SER A 59 -19.10 -0.36 16.90
C SER A 59 -20.27 -1.20 17.36
N LEU A 60 -21.38 -0.54 17.76
CA LEU A 60 -22.55 -1.28 18.23
C LEU A 60 -23.06 -2.27 17.19
N CYS A 61 -22.92 -1.93 15.91
CA CYS A 61 -23.48 -2.75 14.84
C CYS A 61 -22.85 -4.14 14.75
N TYR A 62 -21.65 -4.33 15.29
CA TYR A 62 -21.08 -5.67 15.39
C TYR A 62 -20.94 -6.16 16.83
N GLN A 63 -20.83 -5.26 17.80
CA GLN A 63 -20.72 -5.68 19.19
C GLN A 63 -22.03 -6.30 19.69
N LEU A 64 -23.15 -5.64 19.38
CA LEU A 64 -24.45 -6.17 19.82
C LEU A 64 -24.77 -7.53 19.21
N PRO A 65 -24.64 -7.76 17.89
CA PRO A 65 -24.92 -9.11 17.37
C PRO A 65 -24.04 -10.19 17.99
N ALA A 66 -22.78 -9.85 18.33
CA ALA A 66 -21.93 -10.82 19.01
C ALA A 66 -22.55 -11.28 20.32
N LEU A 67 -23.18 -10.36 21.06
CA LEU A 67 -23.78 -10.70 22.35
C LEU A 67 -25.09 -11.44 22.22
N CYS A 68 -25.73 -11.40 21.06
CA CYS A 68 -26.97 -12.13 20.82
C CYS A 68 -26.74 -13.47 20.15
N SER A 69 -25.50 -13.79 19.79
CA SER A 69 -25.18 -15.00 19.06
C SER A 69 -24.36 -15.95 19.93
N ASP A 70 -24.24 -17.18 19.46
CA ASP A 70 -23.37 -18.17 20.08
C ASP A 70 -21.93 -17.97 19.64
N GLY A 71 -21.01 -18.23 20.56
CA GLY A 71 -19.60 -18.10 20.25
C GLY A 71 -19.15 -16.65 20.24
N PHE A 72 -18.14 -16.37 19.43
CA PHE A 72 -17.53 -15.05 19.42
C PHE A 72 -17.52 -14.45 18.02
N THR A 73 -17.32 -13.14 17.98
CA THR A 73 -17.14 -12.37 16.76
C THR A 73 -15.68 -11.97 16.66
N LEU A 74 -15.05 -12.24 15.52
CA LEU A 74 -13.68 -11.80 15.29
C LEU A 74 -13.72 -10.39 14.73
N VAL A 75 -13.03 -9.46 15.38
CA VAL A 75 -12.98 -8.07 14.95
C VAL A 75 -11.57 -7.77 14.46
N ILE A 76 -11.46 -7.28 13.23
CA ILE A 76 -10.18 -6.88 12.65
C ILE A 76 -10.02 -5.38 12.89
N CYS A 77 -9.01 -5.02 13.69
CA CYS A 77 -8.75 -3.63 14.00
C CYS A 77 -7.34 -3.22 13.57
N PRO A 78 -7.16 -2.02 13.03
CA PRO A 78 -5.83 -1.64 12.52
C PRO A 78 -4.83 -1.17 13.59
N LEU A 79 -5.33 -0.63 14.70
CA LEU A 79 -4.48 -0.08 15.75
C LEU A 79 -4.77 -0.75 17.09
N ILE A 80 -3.72 -0.96 17.88
CA ILE A 80 -3.88 -1.49 19.23
C ILE A 80 -4.60 -0.46 20.11
N SER A 81 -4.33 0.83 19.89
CA SER A 81 -5.03 1.86 20.65
C SER A 81 -6.52 1.84 20.38
N LEU A 82 -6.91 1.51 19.14
CA LEU A 82 -8.32 1.42 18.79
C LEU A 82 -8.97 0.22 19.47
N MET A 83 -8.23 -0.89 19.58
CA MET A 83 -8.76 -2.06 20.30
C MET A 83 -8.92 -1.77 21.78
N GLU A 84 -7.95 -1.08 22.37
CA GLU A 84 -8.04 -0.76 23.79
C GLU A 84 -9.22 0.15 24.06
N ASP A 85 -9.49 1.09 23.15
CA ASP A 85 -10.70 1.89 23.27
C ASP A 85 -11.94 1.02 23.32
N GLN A 86 -12.00 -0.01 22.47
CA GLN A 86 -13.17 -0.87 22.44
C GLN A 86 -13.22 -1.79 23.67
N LEU A 87 -12.08 -2.37 24.05
CA LEU A 87 -12.01 -3.21 25.25
C LEU A 87 -12.30 -2.43 26.53
N MET A 88 -12.01 -1.13 26.55
CA MET A 88 -12.31 -0.32 27.73
C MET A 88 -13.82 -0.21 27.92
N VAL A 89 -14.55 0.06 26.83
CA VAL A 89 -15.99 0.17 26.91
C VAL A 89 -16.61 -1.19 27.24
N LEU A 90 -16.20 -2.23 26.53
CA LEU A 90 -16.75 -3.57 26.73
C LEU A 90 -16.48 -4.06 28.16
N LYS A 91 -15.29 -3.77 28.69
CA LYS A 91 -14.96 -4.16 30.05
C LYS A 91 -15.84 -3.44 31.06
N GLN A 92 -16.14 -2.16 30.81
CA GLN A 92 -16.98 -1.40 31.72
C GLN A 92 -18.42 -1.93 31.73
N LEU A 93 -18.94 -2.41 30.58
CA LEU A 93 -20.28 -2.99 30.55
C LEU A 93 -20.30 -4.41 31.09
N GLY A 94 -19.17 -5.00 31.46
CA GLY A 94 -19.17 -6.37 31.91
C GLY A 94 -19.23 -7.39 30.80
N ILE A 95 -18.77 -7.04 29.61
CA ILE A 95 -18.76 -7.93 28.46
C ILE A 95 -17.36 -8.53 28.32
N SER A 96 -17.29 -9.84 28.17
CA SER A 96 -16.01 -10.52 28.02
C SER A 96 -15.50 -10.34 26.60
N ALA A 97 -14.36 -9.63 26.48
CA ALA A 97 -13.70 -9.43 25.21
C ALA A 97 -12.20 -9.33 25.47
N THR A 98 -11.41 -9.58 24.42
CA THR A 98 -9.97 -9.56 24.54
C THR A 98 -9.37 -9.21 23.19
N MET A 99 -8.03 -9.10 23.16
CA MET A 99 -7.35 -8.73 21.94
C MET A 99 -6.05 -9.53 21.82
N LEU A 100 -5.58 -9.65 20.57
CA LEU A 100 -4.30 -10.27 20.25
C LEU A 100 -3.54 -9.39 19.28
N ASN A 101 -2.27 -9.13 19.59
CA ASN A 101 -1.39 -8.40 18.68
C ASN A 101 -0.03 -9.07 18.70
N ALA A 102 0.91 -8.50 17.93
CA ALA A 102 2.24 -9.08 17.83
C ALA A 102 2.96 -9.08 19.17
N SER A 103 2.77 -8.03 19.97
CA SER A 103 3.46 -7.90 21.24
C SER A 103 2.73 -8.62 22.37
N SER A 104 1.71 -9.41 22.06
CA SER A 104 0.96 -10.11 23.09
C SER A 104 1.87 -11.09 23.81
N PRO A 105 1.86 -11.12 25.13
CA PRO A 105 2.73 -12.07 25.85
C PRO A 105 2.26 -13.49 25.62
N LYS A 106 3.23 -14.42 25.68
CA LYS A 106 2.95 -15.81 25.31
C LYS A 106 1.85 -16.41 26.18
N GLU A 107 1.87 -16.13 27.49
CA GLU A 107 0.85 -16.70 28.37
C GLU A 107 -0.55 -16.22 28.00
N HIS A 108 -0.67 -15.03 27.40
CA HIS A 108 -1.97 -14.55 26.98
C HIS A 108 -2.42 -15.19 25.67
N VAL A 109 -1.49 -15.42 24.74
CA VAL A 109 -1.84 -16.08 23.48
C VAL A 109 -2.33 -17.50 23.74
N LYS A 110 -1.58 -18.26 24.53
CA LYS A 110 -1.99 -19.60 24.95
C LYS A 110 -3.40 -19.61 25.53
N TRP A 111 -3.74 -18.58 26.30
CA TRP A 111 -5.08 -18.47 26.89
C TRP A 111 -6.13 -18.26 25.81
N VAL A 112 -5.97 -17.21 25.01
CA VAL A 112 -6.91 -16.91 23.93
C VAL A 112 -7.02 -18.11 22.99
N HIS A 113 -5.89 -18.68 22.59
CA HIS A 113 -5.90 -19.83 21.68
C HIS A 113 -6.78 -20.96 22.23
N ALA A 114 -6.76 -21.15 23.54
CA ALA A 114 -7.55 -22.22 24.15
C ALA A 114 -9.01 -21.79 24.30
N GLU A 115 -9.25 -20.54 24.67
CA GLU A 115 -10.63 -20.05 24.83
C GLU A 115 -11.41 -20.07 23.52
N MET A 116 -10.73 -19.95 22.37
CA MET A 116 -11.44 -19.91 21.10
C MET A 116 -12.17 -21.22 20.81
N VAL A 117 -11.62 -22.35 21.25
CA VAL A 117 -12.24 -23.66 21.03
C VAL A 117 -12.98 -24.16 22.25
N ASN A 118 -13.00 -23.38 23.33
CA ASN A 118 -13.63 -23.79 24.58
C ASN A 118 -15.11 -23.44 24.51
N LYS A 119 -15.95 -24.47 24.44
CA LYS A 119 -17.38 -24.27 24.25
C LYS A 119 -18.02 -23.52 25.42
N ASN A 120 -17.33 -23.46 26.56
CA ASN A 120 -17.84 -22.75 27.73
C ASN A 120 -17.10 -21.44 27.96
N SER A 121 -16.55 -20.85 26.90
CA SER A 121 -15.85 -19.58 27.00
C SER A 121 -16.85 -18.45 27.11
N LYS A 122 -16.52 -17.45 27.93
CA LYS A 122 -17.32 -16.24 27.99
C LYS A 122 -16.97 -15.23 26.91
N LEU A 123 -15.84 -15.43 26.23
CA LEU A 123 -15.39 -14.49 25.21
C LEU A 123 -16.45 -14.32 24.12
N LYS A 124 -16.90 -13.08 23.93
CA LYS A 124 -17.84 -12.77 22.86
C LYS A 124 -17.21 -12.04 21.68
N LEU A 125 -16.13 -11.29 21.91
CA LEU A 125 -15.48 -10.51 20.89
C LEU A 125 -13.97 -10.66 21.03
N ILE A 126 -13.30 -10.97 19.91
CA ILE A 126 -11.86 -11.13 19.89
C ILE A 126 -11.31 -10.18 18.83
N TYR A 127 -10.56 -9.17 19.29
CA TYR A 127 -10.02 -8.11 18.43
C TYR A 127 -8.58 -8.48 18.07
N VAL A 128 -8.30 -8.55 16.78
CA VAL A 128 -6.95 -8.90 16.32
C VAL A 128 -6.52 -7.93 15.23
N THR A 129 -5.21 -7.72 15.14
CA THR A 129 -4.63 -6.94 14.07
C THR A 129 -4.56 -7.79 12.81
N PRO A 130 -4.61 -7.18 11.63
CA PRO A 130 -4.59 -7.99 10.39
C PRO A 130 -3.36 -8.86 10.28
N GLU A 131 -2.28 -8.53 10.98
CA GLU A 131 -1.09 -9.38 11.00
C GLU A 131 -1.38 -10.75 11.60
N LYS A 132 -2.33 -10.82 12.55
CA LYS A 132 -2.72 -12.10 13.12
C LYS A 132 -3.38 -13.01 12.09
N ILE A 133 -3.89 -12.44 11.01
CA ILE A 133 -4.48 -13.21 9.92
C ILE A 133 -3.44 -13.58 8.88
N ALA A 134 -2.58 -12.62 8.50
CA ALA A 134 -1.63 -12.86 7.42
C ALA A 134 -0.35 -13.53 7.92
N LYS A 135 0.15 -13.14 9.10
CA LYS A 135 1.49 -13.51 9.55
C LYS A 135 1.47 -14.34 10.83
N SER A 136 0.41 -15.14 11.05
CA SER A 136 0.34 -16.03 12.21
C SER A 136 -0.28 -17.34 11.77
N LYS A 137 0.57 -18.34 11.51
CA LYS A 137 0.09 -19.67 11.15
C LYS A 137 -0.76 -20.28 12.26
N MET A 138 -0.38 -20.03 13.51
CA MET A 138 -1.07 -20.67 14.63
C MET A 138 -2.49 -20.15 14.79
N PHE A 139 -2.66 -18.82 14.72
CA PHE A 139 -3.98 -18.23 14.94
C PHE A 139 -4.99 -18.75 13.92
N MET A 140 -4.58 -18.88 12.66
CA MET A 140 -5.48 -19.38 11.62
C MET A 140 -5.95 -20.80 11.92
N SER A 141 -5.05 -21.65 12.44
CA SER A 141 -5.44 -23.03 12.75
C SER A 141 -6.49 -23.08 13.85
N ARG A 142 -6.35 -22.22 14.86
CA ARG A 142 -7.36 -22.10 15.91
C ARG A 142 -8.66 -21.55 15.36
N LEU A 143 -8.58 -20.56 14.47
CA LEU A 143 -9.77 -20.02 13.83
C LEU A 143 -10.48 -21.10 13.03
N GLU A 144 -9.72 -21.95 12.33
CA GLU A 144 -10.33 -23.04 11.58
C GLU A 144 -11.04 -24.02 12.52
N LYS A 145 -10.44 -24.32 13.67
CA LYS A 145 -11.10 -25.23 14.60
C LYS A 145 -12.24 -24.54 15.33
N ALA A 146 -12.08 -23.26 15.66
CA ALA A 146 -13.20 -22.48 16.18
C ALA A 146 -14.34 -22.44 15.18
N TYR A 147 -14.03 -22.29 13.89
CA TYR A 147 -15.07 -22.23 12.86
C TYR A 147 -15.75 -23.57 12.68
N GLU A 148 -14.97 -24.66 12.68
CA GLU A 148 -15.56 -25.99 12.57
C GLU A 148 -16.42 -26.32 13.79
N ALA A 149 -15.99 -25.87 14.97
CA ALA A 149 -16.72 -26.10 16.21
C ALA A 149 -17.91 -25.18 16.41
N ARG A 150 -18.32 -24.41 15.39
CA ARG A 150 -19.48 -23.52 15.47
C ARG A 150 -19.30 -22.40 16.50
N ARG A 151 -18.07 -22.14 16.92
CA ARG A 151 -17.78 -21.07 17.88
C ARG A 151 -17.32 -19.78 17.23
N PHE A 152 -16.75 -19.84 16.03
CA PHE A 152 -16.37 -18.65 15.28
C PHE A 152 -17.47 -18.40 14.25
N THR A 153 -18.31 -17.38 14.51
CA THR A 153 -19.55 -17.19 13.76
C THR A 153 -19.63 -15.90 12.96
N ARG A 154 -18.92 -14.84 13.33
CA ARG A 154 -19.02 -13.57 12.65
C ARG A 154 -17.64 -12.95 12.49
N ILE A 155 -17.50 -12.15 11.43
CA ILE A 155 -16.29 -11.39 11.17
C ILE A 155 -16.67 -9.92 11.06
N ALA A 156 -15.95 -9.06 11.77
CA ALA A 156 -16.12 -7.63 11.66
C ALA A 156 -14.79 -7.01 11.28
N VAL A 157 -14.78 -6.24 10.20
CA VAL A 157 -13.57 -5.56 9.74
C VAL A 157 -13.79 -4.07 9.96
N ASP A 158 -13.25 -3.56 11.06
CA ASP A 158 -13.32 -2.13 11.32
C ASP A 158 -12.30 -1.40 10.45
N GLU A 159 -12.66 -0.20 10.02
CA GLU A 159 -11.84 0.60 9.10
C GLU A 159 -11.58 -0.15 7.80
N VAL A 160 -12.66 -0.75 7.26
CA VAL A 160 -12.57 -1.61 6.09
C VAL A 160 -12.01 -0.91 4.86
N HIS A 161 -11.90 0.43 4.89
CA HIS A 161 -11.34 1.15 3.76
C HIS A 161 -9.84 0.89 3.60
N CYS A 162 -9.16 0.49 4.68
CA CYS A 162 -7.75 0.12 4.60
C CYS A 162 -7.52 -1.01 3.60
N CYS A 163 -8.55 -1.78 3.26
CA CYS A 163 -8.39 -2.85 2.28
C CYS A 163 -8.01 -2.28 0.92
N SER A 164 -8.68 -1.23 0.49
CA SER A 164 -8.47 -0.72 -0.85
C SER A 164 -7.22 0.16 -0.92
N GLN A 165 -6.63 0.20 -2.11
CA GLN A 165 -5.41 0.95 -2.37
C GLN A 165 -5.64 2.44 -2.60
N TRP A 166 -6.90 2.86 -2.76
CA TRP A 166 -7.24 4.25 -3.06
C TRP A 166 -7.83 4.99 -1.88
N GLY A 167 -7.55 4.56 -0.65
CA GLY A 167 -8.16 5.15 0.51
C GLY A 167 -7.17 5.48 1.61
N HIS A 168 -7.65 6.27 2.57
CA HIS A 168 -6.86 6.69 3.72
C HIS A 168 -6.26 5.48 4.44
N ASP A 169 -5.01 5.62 4.86
CA ASP A 169 -4.39 4.71 5.82
C ASP A 169 -4.33 3.26 5.33
N PHE A 170 -3.93 3.06 4.09
CA PHE A 170 -3.82 1.70 3.57
C PHE A 170 -2.84 0.89 4.40
N ARG A 171 -3.32 -0.25 4.97
CA ARG A 171 -2.48 -1.25 5.62
C ARG A 171 -2.20 -2.42 4.69
N PRO A 172 -0.93 -2.82 4.51
CA PRO A 172 -0.64 -3.94 3.61
C PRO A 172 -1.35 -5.23 4.01
N ASP A 173 -1.42 -5.50 5.31
CA ASP A 173 -2.00 -6.75 5.80
C ASP A 173 -3.50 -6.85 5.54
N TYR A 174 -4.19 -5.72 5.34
CA TYR A 174 -5.60 -5.77 5.00
C TYR A 174 -5.87 -6.42 3.66
N LYS A 175 -4.88 -6.45 2.75
CA LYS A 175 -5.09 -7.08 1.46
C LYS A 175 -5.37 -8.57 1.62
N ALA A 176 -4.69 -9.21 2.57
CA ALA A 176 -4.83 -10.64 2.80
C ALA A 176 -6.13 -11.03 3.49
N LEU A 177 -6.90 -10.04 3.97
CA LEU A 177 -8.12 -10.36 4.72
C LEU A 177 -9.20 -10.99 3.86
N GLY A 178 -8.99 -11.12 2.56
CA GLY A 178 -9.91 -11.89 1.73
C GLY A 178 -9.93 -13.36 2.07
N ILE A 179 -8.87 -13.87 2.72
CA ILE A 179 -8.83 -15.27 3.13
C ILE A 179 -9.98 -15.61 4.07
N LEU A 180 -10.46 -14.63 4.84
CA LEU A 180 -11.48 -14.91 5.87
C LEU A 180 -12.75 -15.48 5.26
N LYS A 181 -13.27 -14.83 4.23
CA LYS A 181 -14.50 -15.29 3.59
C LYS A 181 -14.28 -16.58 2.81
N ARG A 182 -13.12 -16.71 2.16
CA ARG A 182 -12.84 -17.91 1.38
C ARG A 182 -12.75 -19.13 2.29
N GLN A 183 -12.09 -18.99 3.44
CA GLN A 183 -11.91 -20.12 4.34
C GLN A 183 -13.08 -20.33 5.30
N PHE A 184 -13.80 -19.26 5.64
CA PHE A 184 -14.90 -19.32 6.61
C PHE A 184 -16.18 -18.77 5.98
N PRO A 185 -16.74 -19.45 4.98
CA PRO A 185 -17.88 -18.87 4.26
C PRO A 185 -19.15 -18.74 5.10
N ASN A 186 -19.35 -19.61 6.09
CA ASN A 186 -20.56 -19.50 6.91
C ASN A 186 -20.49 -18.39 7.94
N ALA A 187 -19.33 -17.75 8.09
CA ALA A 187 -19.17 -16.60 8.96
C ALA A 187 -19.58 -15.34 8.21
N SER A 188 -20.54 -14.61 8.76
CA SER A 188 -20.94 -13.37 8.11
C SER A 188 -19.87 -12.29 8.35
N LEU A 189 -19.73 -11.39 7.40
CA LEU A 189 -18.74 -10.34 7.46
C LEU A 189 -19.42 -8.98 7.39
N ILE A 190 -18.96 -8.05 8.23
CA ILE A 190 -19.44 -6.67 8.24
C ILE A 190 -18.25 -5.74 8.08
N GLY A 191 -18.40 -4.74 7.22
CA GLY A 191 -17.35 -3.74 7.01
C GLY A 191 -17.79 -2.37 7.50
N LEU A 192 -16.99 -1.78 8.39
CA LEU A 192 -17.27 -0.47 8.97
C LEU A 192 -16.23 0.53 8.47
N THR A 193 -16.69 1.71 8.08
CA THR A 193 -15.78 2.79 7.70
C THR A 193 -16.52 4.13 7.76
N ALA A 194 -15.76 5.21 7.91
CA ALA A 194 -16.34 6.54 7.77
C ALA A 194 -16.12 7.21 6.41
N THR A 195 -15.27 6.68 5.53
CA THR A 195 -15.19 7.33 4.22
C THR A 195 -16.34 6.85 3.35
N ALA A 196 -16.58 7.49 2.21
CA ALA A 196 -17.49 6.81 1.30
C ALA A 196 -16.84 6.33 0.00
N THR A 197 -16.18 7.21 -0.75
CA THR A 197 -15.11 6.90 -1.71
C THR A 197 -15.46 5.63 -2.51
N SER A 198 -16.62 5.65 -3.18
CA SER A 198 -17.23 4.41 -3.63
C SER A 198 -16.28 3.42 -4.30
N HIS A 199 -15.30 3.90 -5.09
CA HIS A 199 -14.26 3.00 -5.59
C HIS A 199 -13.58 2.23 -4.46
N VAL A 200 -13.17 2.94 -3.40
CA VAL A 200 -12.60 2.30 -2.21
C VAL A 200 -13.52 1.21 -1.67
N LEU A 201 -14.82 1.47 -1.65
CA LEU A 201 -15.75 0.50 -1.08
C LEU A 201 -15.94 -0.69 -2.00
N LYS A 202 -16.39 -0.45 -3.24
CA LYS A 202 -16.53 -1.53 -4.20
C LYS A 202 -15.24 -2.34 -4.33
N ASP A 203 -14.09 -1.69 -4.16
CA ASP A 203 -12.82 -2.40 -4.19
C ASP A 203 -12.62 -3.24 -2.94
N ALA A 204 -13.01 -2.71 -1.78
CA ALA A 204 -12.82 -3.43 -0.52
C ALA A 204 -13.63 -4.71 -0.49
N GLN A 205 -14.86 -4.70 -1.02
CA GLN A 205 -15.62 -5.93 -1.07
C GLN A 205 -15.04 -6.92 -2.07
N LYS A 206 -14.30 -6.45 -3.08
CA LYS A 206 -13.62 -7.38 -3.97
C LYS A 206 -12.39 -7.99 -3.30
N ILE A 207 -11.61 -7.16 -2.60
CA ILE A 207 -10.47 -7.67 -1.83
C ILE A 207 -10.93 -8.65 -0.75
N LEU A 208 -12.09 -8.40 -0.17
CA LEU A 208 -12.64 -9.27 0.87
C LEU A 208 -13.46 -10.43 0.33
N CYS A 209 -13.62 -10.54 -1.00
CA CYS A 209 -14.39 -11.64 -1.58
C CYS A 209 -15.83 -11.64 -1.07
N VAL A 210 -16.33 -10.45 -0.75
CA VAL A 210 -17.66 -10.19 -0.22
C VAL A 210 -18.42 -9.33 -1.23
N GLU A 211 -18.08 -9.50 -2.51
CA GLU A 211 -18.65 -8.66 -3.55
C GLU A 211 -20.15 -8.94 -3.63
N LYS A 212 -20.86 -8.14 -4.41
CA LYS A 212 -21.67 -7.11 -3.79
C LYS A 212 -22.45 -7.65 -2.60
N CYS A 213 -22.22 -7.00 -1.48
CA CYS A 213 -22.92 -7.14 -0.21
C CYS A 213 -23.86 -5.95 -0.04
N PHE A 214 -24.76 -6.06 0.92
CA PHE A 214 -25.54 -4.88 1.28
C PHE A 214 -24.60 -3.77 1.71
N THR A 215 -24.85 -2.57 1.20
CA THR A 215 -24.06 -1.41 1.57
C THR A 215 -25.02 -0.35 2.08
N PHE A 216 -24.90 -0.01 3.36
CA PHE A 216 -25.72 1.02 3.98
C PHE A 216 -24.87 2.24 4.28
N THR A 217 -25.42 3.41 4.01
CA THR A 217 -24.74 4.66 4.31
C THR A 217 -25.68 5.54 5.13
N ALA A 218 -25.14 6.16 6.16
CA ALA A 218 -25.90 7.13 6.93
C ALA A 218 -25.91 8.47 6.21
N SER A 219 -26.93 9.27 6.48
CA SER A 219 -26.95 10.64 6.01
C SER A 219 -25.93 11.44 6.78
N PHE A 220 -24.94 11.99 6.07
CA PHE A 220 -23.82 12.65 6.75
C PHE A 220 -24.18 14.05 7.22
N ASN A 221 -25.21 14.67 6.64
CA ASN A 221 -25.65 15.97 7.10
C ASN A 221 -26.14 15.89 8.55
N ARG A 222 -25.64 16.81 9.38
CA ARG A 222 -26.04 16.94 10.78
C ARG A 222 -26.82 18.23 10.95
N PRO A 223 -28.14 18.22 10.78
CA PRO A 223 -28.89 19.49 10.70
C PRO A 223 -28.86 20.30 11.99
N ASN A 224 -28.51 19.69 13.12
CA ASN A 224 -28.47 20.38 14.40
C ASN A 224 -27.14 21.09 14.67
N LEU A 225 -26.17 20.95 13.76
CA LEU A 225 -24.85 21.55 13.94
C LEU A 225 -24.80 22.92 13.27
N TYR A 226 -24.30 23.90 14.02
CA TYR A 226 -24.13 25.27 13.51
C TYR A 226 -22.65 25.48 13.19
N TYR A 227 -22.36 25.77 11.93
CA TYR A 227 -20.99 25.90 11.44
C TYR A 227 -20.61 27.38 11.40
N GLU A 228 -19.43 27.69 11.92
CA GLU A 228 -18.98 29.07 12.00
C GLU A 228 -17.48 29.13 11.79
N VAL A 229 -17.04 30.21 11.13
CA VAL A 229 -15.62 30.49 10.93
C VAL A 229 -15.32 31.85 11.56
N ARG A 230 -14.30 31.87 12.42
CA ARG A 230 -13.89 33.08 13.11
C ARG A 230 -12.45 33.45 12.77
N GLN A 231 -12.16 34.74 12.86
CA GLN A 231 -10.80 35.22 12.71
C GLN A 231 -9.98 34.80 13.93
N LYS A 232 -8.78 34.29 13.68
CA LYS A 232 -7.86 33.90 14.74
C LYS A 232 -6.94 35.06 15.05
N PRO A 233 -6.92 35.57 16.28
CA PRO A 233 -6.05 36.71 16.57
C PRO A 233 -4.59 36.33 16.41
N SER A 234 -3.78 37.30 15.97
CA SER A 234 -2.35 37.05 15.83
C SER A 234 -1.68 36.79 17.17
N ASN A 235 -2.17 37.43 18.22
CA ASN A 235 -1.58 37.32 19.55
C ASN A 235 -2.12 36.05 20.21
N THR A 236 -1.21 35.20 20.69
CA THR A 236 -1.65 33.93 21.26
C THR A 236 -2.48 34.14 22.52
N GLU A 237 -2.11 35.11 23.36
CA GLU A 237 -2.88 35.34 24.58
C GLU A 237 -4.23 36.01 24.28
N ASP A 238 -4.31 36.87 23.26
CA ASP A 238 -5.62 37.37 22.85
C ASP A 238 -6.50 36.25 22.31
N PHE A 239 -5.91 35.23 21.70
CA PHE A 239 -6.70 34.13 21.17
C PHE A 239 -7.30 33.31 22.30
N ILE A 240 -6.47 32.90 23.27
CA ILE A 240 -6.97 32.14 24.40
C ILE A 240 -7.98 32.94 25.22
N GLU A 241 -7.81 34.26 25.27
CA GLU A 241 -8.78 35.10 25.98
C GLU A 241 -10.13 35.13 25.26
N ASP A 242 -10.10 35.18 23.92
CA ASP A 242 -11.33 35.15 23.14
C ASP A 242 -12.03 33.80 23.26
N ILE A 243 -11.27 32.72 23.40
CA ILE A 243 -11.85 31.39 23.57
C ILE A 243 -12.59 31.30 24.90
N VAL A 244 -11.94 31.76 25.98
CA VAL A 244 -12.57 31.72 27.29
C VAL A 244 -13.79 32.64 27.33
N LYS A 245 -13.71 33.78 26.65
CA LYS A 245 -14.89 34.65 26.54
C LYS A 245 -16.01 33.95 25.79
N LEU A 246 -15.67 33.20 24.75
CA LEU A 246 -16.70 32.51 23.96
C LEU A 246 -17.33 31.37 24.74
N ILE A 247 -16.53 30.63 25.51
CA ILE A 247 -17.07 29.50 26.27
C ILE A 247 -18.02 29.98 27.35
N ASN A 248 -17.61 30.98 28.14
CA ASN A 248 -18.48 31.47 29.20
C ASN A 248 -19.70 32.20 28.64
N GLY A 249 -19.52 32.95 27.55
CA GLY A 249 -20.65 33.67 26.97
C GLY A 249 -21.75 32.74 26.46
N ARG A 250 -21.39 31.78 25.61
CA ARG A 250 -22.36 30.93 24.92
C ARG A 250 -22.56 29.57 25.57
N TYR A 251 -21.52 28.98 26.16
CA TYR A 251 -21.52 27.58 26.58
C TYR A 251 -21.14 27.46 28.04
N LYS A 252 -21.73 28.32 28.86
CA LYS A 252 -21.43 28.32 30.29
C LYS A 252 -21.75 26.96 30.89
N GLY A 253 -20.72 26.28 31.39
CA GLY A 253 -20.89 25.00 32.04
C GLY A 253 -21.22 23.83 31.13
N GLN A 254 -21.12 23.99 29.81
CA GLN A 254 -21.44 22.90 28.89
C GLN A 254 -20.16 22.24 28.39
N SER A 255 -20.25 20.94 28.14
CA SER A 255 -19.09 20.18 27.67
C SER A 255 -18.76 20.54 26.22
N GLY A 256 -17.47 20.55 25.92
CA GLY A 256 -17.02 20.89 24.57
C GLY A 256 -15.66 20.32 24.27
N ILE A 257 -15.29 20.39 22.99
CA ILE A 257 -14.02 19.90 22.47
C ILE A 257 -13.29 21.04 21.80
N ILE A 258 -11.97 21.08 21.99
CA ILE A 258 -11.09 22.00 21.28
C ILE A 258 -10.04 21.19 20.55
N TYR A 259 -9.99 21.34 19.23
CA TYR A 259 -9.04 20.62 18.40
C TYR A 259 -7.83 21.50 18.14
N CYS A 260 -6.64 20.99 18.43
CA CYS A 260 -5.41 21.70 18.21
C CYS A 260 -4.61 21.00 17.11
N PHE A 261 -3.75 21.77 16.45
CA PHE A 261 -2.98 21.21 15.35
C PHE A 261 -1.92 20.23 15.86
N SER A 262 -1.18 20.63 16.89
CA SER A 262 0.03 19.96 17.33
C SER A 262 -0.15 19.42 18.75
N GLN A 263 0.81 18.59 19.16
CA GLN A 263 0.81 18.05 20.51
C GLN A 263 1.15 19.15 21.52
N LYS A 264 2.07 20.05 21.14
CA LYS A 264 2.40 21.19 21.99
C LYS A 264 1.21 22.13 22.15
N ASP A 265 0.57 22.49 21.03
CA ASP A 265 -0.61 23.35 21.08
C ASP A 265 -1.67 22.80 22.04
N SER A 266 -1.96 21.50 21.94
CA SER A 266 -2.99 20.90 22.78
C SER A 266 -2.65 21.02 24.26
N GLU A 267 -1.39 20.77 24.63
CA GLU A 267 -1.02 20.86 26.04
C GLU A 267 -1.01 22.29 26.56
N GLN A 268 -0.50 23.22 25.75
CA GLN A 268 -0.41 24.61 26.22
C GLN A 268 -1.79 25.26 26.32
N VAL A 269 -2.72 24.89 25.43
CA VAL A 269 -4.08 25.42 25.53
C VAL A 269 -4.72 24.96 26.84
N THR A 270 -4.50 23.70 27.22
CA THR A 270 -5.15 23.15 28.41
C THR A 270 -4.76 23.93 29.67
N ILE A 271 -3.46 24.19 29.85
CA ILE A 271 -3.04 24.90 31.06
C ILE A 271 -3.48 26.36 30.99
N SER A 272 -3.50 26.94 29.79
CA SER A 272 -4.01 28.30 29.65
C SER A 272 -5.48 28.37 29.98
N LEU A 273 -6.25 27.37 29.54
CA LEU A 273 -7.67 27.32 29.87
C LEU A 273 -7.88 27.16 31.36
N GLN A 274 -7.07 26.31 32.00
CA GLN A 274 -7.19 26.08 33.44
C GLN A 274 -6.95 27.36 34.23
N LYS A 275 -5.93 28.14 33.85
CA LYS A 275 -5.66 29.37 34.57
C LYS A 275 -6.80 30.38 34.37
N LEU A 276 -7.34 30.46 33.15
CA LEU A 276 -8.38 31.43 32.85
C LEU A 276 -9.77 31.02 33.33
N GLY A 277 -9.86 29.98 34.16
CA GLY A 277 -11.10 29.62 34.82
C GLY A 277 -11.91 28.52 34.18
N ILE A 278 -11.38 27.86 33.15
CA ILE A 278 -12.07 26.79 32.44
C ILE A 278 -11.42 25.46 32.83
N PRO A 279 -12.14 24.54 33.46
CA PRO A 279 -11.57 23.21 33.74
C PRO A 279 -11.39 22.44 32.43
N ALA A 280 -10.15 22.05 32.14
CA ALA A 280 -9.85 21.43 30.86
C ALA A 280 -8.92 20.24 31.06
N GLY A 281 -8.92 19.35 30.08
CA GLY A 281 -8.09 18.16 30.08
C GLY A 281 -7.68 17.74 28.69
N ALA A 282 -6.42 17.37 28.50
CA ALA A 282 -5.96 16.91 27.20
C ALA A 282 -6.33 15.45 26.98
N TYR A 283 -6.57 15.10 25.71
CA TYR A 283 -6.83 13.73 25.29
C TYR A 283 -6.01 13.45 24.04
N HIS A 284 -5.34 12.30 24.03
CA HIS A 284 -4.48 11.94 22.91
C HIS A 284 -4.69 10.47 22.57
N ALA A 285 -4.37 10.13 21.32
CA ALA A 285 -4.56 8.75 20.87
C ALA A 285 -3.48 7.81 21.40
N ASN A 286 -2.28 8.32 21.65
CA ASN A 286 -1.18 7.50 22.16
C ASN A 286 -1.28 7.23 23.65
N MET A 287 -2.26 7.83 24.34
CA MET A 287 -2.37 7.72 25.79
C MET A 287 -2.57 6.28 26.23
N GLU A 288 -2.15 5.98 27.45
CA GLU A 288 -2.45 4.70 28.06
C GLU A 288 -3.96 4.59 28.31
N PRO A 289 -4.51 3.37 28.29
CA PRO A 289 -5.93 3.20 28.58
C PRO A 289 -6.36 3.75 29.93
N GLU A 290 -5.48 3.73 30.93
CA GLU A 290 -5.83 4.30 32.23
C GLU A 290 -5.79 5.81 32.21
N ASP A 291 -4.98 6.39 31.31
CA ASP A 291 -5.03 7.84 31.10
C ASP A 291 -6.31 8.23 30.36
N LYS A 292 -6.69 7.45 29.34
CA LYS A 292 -7.93 7.74 28.61
C LYS A 292 -9.14 7.67 29.54
N THR A 293 -9.19 6.67 30.42
CA THR A 293 -10.26 6.59 31.41
C THR A 293 -10.28 7.83 32.29
N LYS A 294 -9.10 8.29 32.70
CA LYS A 294 -9.00 9.47 33.56
C LYS A 294 -9.69 10.67 32.93
N VAL A 295 -9.45 10.90 31.63
CA VAL A 295 -10.08 12.01 30.95
C VAL A 295 -11.57 11.74 30.75
N HIS A 296 -11.93 10.53 30.28
CA HIS A 296 -13.33 10.23 30.00
C HIS A 296 -14.20 10.37 31.24
N ARG A 297 -13.70 9.96 32.40
CA ARG A 297 -14.52 10.03 33.61
C ARG A 297 -14.65 11.47 34.11
N ARG A 298 -13.55 12.22 34.12
CA ARG A 298 -13.64 13.62 34.51
C ARG A 298 -14.52 14.41 33.54
N TRP A 299 -14.49 14.07 32.25
CA TRP A 299 -15.35 14.77 31.31
C TRP A 299 -16.82 14.43 31.55
N ALA A 300 -17.13 13.15 31.80
CA ALA A 300 -18.50 12.78 32.08
C ALA A 300 -18.99 13.39 33.40
N ALA A 301 -18.12 13.44 34.42
CA ALA A 301 -18.47 14.00 35.72
C ALA A 301 -18.39 15.52 35.77
N ASN A 302 -18.12 16.18 34.64
CA ASN A 302 -17.99 17.63 34.56
C ASN A 302 -16.92 18.17 35.51
N GLU A 303 -15.94 17.34 35.86
CA GLU A 303 -14.73 17.83 36.48
C GLU A 303 -13.94 18.71 35.53
N ILE A 304 -13.83 18.30 34.27
CA ILE A 304 -13.27 19.13 33.22
C ILE A 304 -14.36 19.39 32.19
N GLN A 305 -14.50 20.66 31.80
CA GLN A 305 -15.53 21.06 30.85
C GLN A 305 -15.11 20.88 29.41
N VAL A 306 -13.88 21.26 29.08
CA VAL A 306 -13.34 21.19 27.73
C VAL A 306 -12.30 20.07 27.66
N VAL A 307 -12.40 19.24 26.63
CA VAL A 307 -11.36 18.26 26.33
C VAL A 307 -10.56 18.79 25.15
N VAL A 308 -9.31 19.17 25.40
CA VAL A 308 -8.43 19.68 24.36
C VAL A 308 -7.75 18.48 23.71
N ALA A 309 -8.20 18.13 22.50
CA ALA A 309 -7.65 17.01 21.76
C ALA A 309 -6.77 17.51 20.63
N THR A 310 -5.83 16.66 20.21
CA THR A 310 -4.97 16.94 19.07
C THR A 310 -5.29 15.96 17.94
N VAL A 311 -5.39 16.50 16.72
CA VAL A 311 -5.88 15.73 15.58
C VAL A 311 -4.92 14.59 15.25
N ALA A 312 -5.40 13.36 15.41
CA ALA A 312 -4.60 12.16 15.18
C ALA A 312 -5.54 10.97 14.99
N PHE A 313 -5.00 9.89 14.42
CA PHE A 313 -5.77 8.68 14.20
C PHE A 313 -5.84 7.88 15.49
N GLY A 314 -7.05 7.69 16.03
CA GLY A 314 -7.19 7.02 17.31
C GLY A 314 -7.96 7.80 18.36
N MET A 315 -8.66 8.86 17.94
CA MET A 315 -9.39 9.71 18.87
C MET A 315 -10.64 9.00 19.37
N GLY A 316 -10.59 8.54 20.62
CA GLY A 316 -11.69 7.81 21.22
C GLY A 316 -12.52 8.64 22.18
N ILE A 317 -12.66 9.94 21.93
CA ILE A 317 -13.50 10.81 22.75
C ILE A 317 -14.87 10.90 22.09
N ASP A 318 -15.88 10.37 22.77
CA ASP A 318 -17.26 10.45 22.27
C ASP A 318 -18.16 10.72 23.46
N LYS A 319 -18.79 11.88 23.48
CA LYS A 319 -19.79 12.25 24.46
C LYS A 319 -21.05 12.66 23.72
N PRO A 320 -22.23 12.24 24.20
CA PRO A 320 -23.45 12.55 23.43
C PRO A 320 -23.86 14.01 23.50
N ASP A 321 -23.43 14.74 24.53
CA ASP A 321 -23.87 16.11 24.78
C ASP A 321 -22.76 17.13 24.57
N VAL A 322 -21.92 16.92 23.56
CA VAL A 322 -20.88 17.90 23.24
C VAL A 322 -21.56 19.11 22.59
N ARG A 323 -21.61 20.22 23.32
CA ARG A 323 -22.35 21.38 22.86
C ARG A 323 -21.55 22.28 21.92
N PHE A 324 -20.22 22.18 21.91
CA PHE A 324 -19.42 23.01 21.02
C PHE A 324 -18.12 22.29 20.70
N VAL A 325 -17.68 22.41 19.45
CA VAL A 325 -16.36 21.96 19.01
C VAL A 325 -15.65 23.16 18.41
N ILE A 326 -14.55 23.57 19.03
CA ILE A 326 -13.75 24.69 18.58
C ILE A 326 -12.49 24.14 17.92
N HIS A 327 -12.20 24.61 16.71
CA HIS A 327 -10.96 24.27 16.02
C HIS A 327 -9.94 25.36 16.29
N HIS A 328 -8.97 25.06 17.17
CA HIS A 328 -7.91 26.02 17.49
C HIS A 328 -7.14 26.40 16.23
N SER A 329 -6.94 25.44 15.34
CA SER A 329 -6.43 25.69 14.00
C SER A 329 -7.24 24.86 13.02
N MET A 330 -7.29 25.30 11.78
CA MET A 330 -8.07 24.59 10.78
C MET A 330 -7.55 23.16 10.59
N SER A 331 -8.41 22.31 10.05
CA SER A 331 -8.06 20.92 9.77
C SER A 331 -7.13 20.84 8.55
N LYS A 332 -6.61 19.63 8.34
CA LYS A 332 -5.81 19.39 7.14
C LYS A 332 -6.68 19.31 5.90
N SER A 333 -7.97 19.05 6.05
CA SER A 333 -8.84 18.87 4.89
C SER A 333 -10.29 19.11 5.30
N MET A 334 -11.14 19.30 4.29
CA MET A 334 -12.57 19.43 4.50
C MET A 334 -13.16 18.13 5.06
N GLU A 335 -12.68 16.99 4.57
CA GLU A 335 -13.14 15.70 5.09
C GLU A 335 -12.77 15.54 6.56
N ASN A 336 -11.53 15.90 6.92
CA ASN A 336 -11.14 15.85 8.32
C ASN A 336 -11.99 16.80 9.16
N TYR A 337 -12.22 18.03 8.67
CA TYR A 337 -12.97 19.00 9.46
C TYR A 337 -14.39 18.52 9.75
N TYR A 338 -15.05 17.89 8.76
CA TYR A 338 -16.39 17.37 9.01
C TYR A 338 -16.37 16.32 10.11
N GLN A 339 -15.46 15.36 10.02
CA GLN A 339 -15.42 14.28 11.00
C GLN A 339 -15.06 14.81 12.38
N GLU A 340 -14.11 15.74 12.46
CA GLU A 340 -13.70 16.28 13.74
C GLU A 340 -14.78 17.16 14.35
N SER A 341 -15.34 18.08 13.57
CA SER A 341 -16.42 18.92 14.08
C SER A 341 -17.69 18.12 14.32
N GLY A 342 -17.88 17.03 13.59
CA GLY A 342 -19.08 16.20 13.72
C GLY A 342 -19.26 15.50 15.04
N ARG A 343 -18.30 15.63 15.96
CA ARG A 343 -18.44 15.05 17.29
C ARG A 343 -19.37 15.86 18.18
N ALA A 344 -19.84 17.01 17.71
CA ALA A 344 -20.78 17.84 18.45
C ALA A 344 -22.21 17.34 18.24
N GLY A 345 -23.07 17.69 19.19
CA GLY A 345 -24.48 17.38 19.13
C GLY A 345 -24.90 15.98 18.75
N ARG A 346 -24.24 14.96 19.33
CA ARG A 346 -24.68 13.59 19.09
C ARG A 346 -25.96 13.24 19.84
N ASP A 347 -26.46 14.14 20.68
CA ASP A 347 -27.78 13.99 21.27
C ASP A 347 -28.88 14.61 20.40
N ASP A 348 -28.57 14.91 19.15
CA ASP A 348 -29.48 15.47 18.15
C ASP A 348 -29.95 16.89 18.50
N MET A 349 -29.44 17.48 19.58
CA MET A 349 -29.77 18.86 19.91
C MET A 349 -28.72 19.81 19.35
N LYS A 350 -29.12 21.07 19.20
CA LYS A 350 -28.26 22.08 18.58
C LYS A 350 -26.88 22.11 19.22
N ALA A 351 -25.86 22.25 18.37
CA ALA A 351 -24.48 22.30 18.82
C ALA A 351 -23.70 23.14 17.82
N ASP A 352 -22.68 23.83 18.33
CA ASP A 352 -21.91 24.77 17.54
C ASP A 352 -20.55 24.18 17.16
N CYS A 353 -20.11 24.46 15.94
CA CYS A 353 -18.82 24.04 15.42
C CYS A 353 -18.10 25.31 14.99
N ILE A 354 -17.15 25.76 15.81
CA ILE A 354 -16.48 27.04 15.61
C ILE A 354 -15.08 26.74 15.07
N LEU A 355 -14.75 27.33 13.92
CA LEU A 355 -13.42 27.18 13.32
C LEU A 355 -12.71 28.52 13.37
N TYR A 356 -11.53 28.54 13.95
CA TYR A 356 -10.69 29.74 13.98
C TYR A 356 -9.70 29.71 12.82
N TYR A 357 -9.82 30.69 11.92
CA TYR A 357 -9.02 30.77 10.72
C TYR A 357 -7.84 31.72 10.95
N GLY A 358 -6.63 31.21 10.79
CA GLY A 358 -5.46 32.05 10.92
C GLY A 358 -4.55 32.03 9.71
N PHE A 359 -4.13 33.21 9.27
CA PHE A 359 -3.23 33.33 8.12
C PHE A 359 -1.98 32.50 8.31
N GLY A 360 -1.35 32.58 9.48
CA GLY A 360 -0.15 31.81 9.74
C GLY A 360 -0.38 30.31 9.71
N ASP A 361 -1.58 29.86 10.04
CA ASP A 361 -1.88 28.43 10.03
C ASP A 361 -1.86 27.84 8.63
N ILE A 362 -2.05 28.66 7.59
CA ILE A 362 -1.97 28.17 6.22
C ILE A 362 -0.62 27.52 5.96
N PHE A 363 0.45 28.21 6.37
CA PHE A 363 1.81 27.77 6.05
C PHE A 363 2.33 26.75 7.05
N ARG A 364 1.92 26.86 8.31
CA ARG A 364 2.27 25.86 9.30
C ARG A 364 1.74 24.48 8.92
N ILE A 365 0.49 24.42 8.45
CA ILE A 365 -0.10 23.14 8.07
C ILE A 365 0.40 22.69 6.71
N SER A 366 0.48 23.61 5.74
CA SER A 366 1.01 23.28 4.42
C SER A 366 2.39 22.63 4.52
N SER A 367 3.24 23.15 5.40
CA SER A 367 4.58 22.58 5.56
C SER A 367 4.53 21.17 6.15
N MET A 368 3.56 20.89 7.01
CA MET A 368 3.48 19.58 7.64
C MET A 368 2.93 18.50 6.70
N VAL A 369 2.15 18.89 5.70
CA VAL A 369 1.55 17.94 4.78
C VAL A 369 2.29 17.92 3.44
N VAL A 370 3.55 18.38 3.42
CA VAL A 370 4.33 18.46 2.19
C VAL A 370 4.53 17.07 1.57
N MET A 371 4.58 16.02 2.39
CA MET A 371 4.84 14.68 1.89
C MET A 371 3.60 13.99 1.37
N GLU A 372 2.42 14.47 1.74
CA GLU A 372 1.17 13.95 1.20
C GLU A 372 0.96 14.52 -0.20
N ASN A 373 0.86 13.62 -1.19
CA ASN A 373 0.79 14.02 -2.60
C ASN A 373 -0.26 15.10 -2.86
N VAL A 374 -1.39 15.05 -2.16
CA VAL A 374 -2.43 16.04 -2.34
C VAL A 374 -2.66 16.85 -1.07
N GLY A 375 -1.66 16.92 -0.18
CA GLY A 375 -1.82 17.67 1.05
C GLY A 375 -2.09 19.15 0.83
N GLN A 376 -1.37 19.76 -0.10
CA GLN A 376 -1.53 21.20 -0.33
C GLN A 376 -2.90 21.51 -0.90
N GLN A 377 -3.32 20.76 -1.92
CA GLN A 377 -4.65 20.95 -2.50
C GLN A 377 -5.75 20.76 -1.46
N LYS A 378 -5.60 19.75 -0.59
CA LYS A 378 -6.60 19.48 0.43
C LYS A 378 -6.64 20.58 1.48
N LEU A 379 -5.48 21.16 1.80
CA LEU A 379 -5.47 22.26 2.76
C LEU A 379 -6.05 23.53 2.15
N TYR A 380 -5.72 23.81 0.89
CA TYR A 380 -6.24 25.02 0.25
C TYR A 380 -7.75 24.97 0.10
N GLU A 381 -8.33 23.77 0.00
CA GLU A 381 -9.79 23.66 0.03
C GLU A 381 -10.33 24.11 1.39
N MET A 382 -9.62 23.75 2.46
CA MET A 382 -10.00 24.20 3.80
C MET A 382 -9.87 25.71 3.92
N VAL A 383 -8.77 26.28 3.43
CA VAL A 383 -8.57 27.72 3.46
C VAL A 383 -9.64 28.41 2.62
N SER A 384 -9.96 27.84 1.46
CA SER A 384 -11.01 28.41 0.62
C SER A 384 -12.36 28.43 1.35
N TYR A 385 -12.61 27.39 2.15
CA TYR A 385 -13.82 27.37 2.97
C TYR A 385 -13.80 28.48 4.02
N CYS A 386 -12.66 28.69 4.67
CA CYS A 386 -12.54 29.79 5.62
C CYS A 386 -12.73 31.14 4.96
N GLN A 387 -12.29 31.28 3.70
CA GLN A 387 -12.39 32.56 2.99
C GLN A 387 -13.80 32.86 2.50
N ASN A 388 -14.63 31.84 2.33
CA ASN A 388 -15.95 32.03 1.73
C ASN A 388 -16.88 32.81 2.66
N ILE A 389 -17.62 33.75 2.08
CA ILE A 389 -18.55 34.58 2.85
C ILE A 389 -19.93 34.57 2.21
N ASN A 390 -20.03 34.07 0.97
CA ASN A 390 -21.25 34.22 0.19
C ASN A 390 -21.94 32.88 -0.12
N LYS A 391 -21.50 31.77 0.49
CA LYS A 391 -22.12 30.48 0.30
C LYS A 391 -22.46 29.87 1.65
N CYS A 392 -23.52 29.07 1.69
CA CYS A 392 -23.84 28.34 2.90
C CYS A 392 -22.71 27.36 3.21
N ARG A 393 -22.30 27.33 4.49
CA ARG A 393 -21.20 26.45 4.87
C ARG A 393 -21.54 24.98 4.70
N ARG A 394 -22.82 24.62 4.87
CA ARG A 394 -23.23 23.23 4.69
C ARG A 394 -23.11 22.78 3.23
N VAL A 395 -23.32 23.71 2.29
CA VAL A 395 -23.15 23.41 0.87
C VAL A 395 -21.68 23.15 0.55
N LEU A 396 -20.79 23.95 1.13
CA LEU A 396 -19.36 23.82 0.88
C LEU A 396 -18.84 22.47 1.39
N ILE A 397 -19.24 22.10 2.60
CA ILE A 397 -18.82 20.83 3.18
C ILE A 397 -19.39 19.66 2.39
N ALA A 398 -20.69 19.72 2.09
CA ALA A 398 -21.35 18.64 1.34
C ALA A 398 -20.70 18.36 -0.01
N GLN A 399 -19.94 19.31 -0.56
CA GLN A 399 -19.23 19.08 -1.82
C GLN A 399 -18.26 17.91 -1.74
N HIS A 400 -17.81 17.54 -0.55
CA HIS A 400 -16.82 16.48 -0.35
C HIS A 400 -17.46 15.15 0.05
N PHE A 401 -18.77 15.13 0.18
CA PHE A 401 -19.57 13.99 0.63
C PHE A 401 -20.73 13.76 -0.34
N ASP A 402 -20.41 13.82 -1.63
CA ASP A 402 -21.42 13.94 -2.68
C ASP A 402 -22.42 12.79 -2.64
N GLU A 403 -21.95 11.57 -2.38
CA GLU A 403 -22.82 10.40 -2.42
C GLU A 403 -23.55 10.11 -1.11
N VAL A 404 -23.21 10.81 -0.02
CA VAL A 404 -23.76 10.44 1.29
C VAL A 404 -24.40 11.63 2.00
N TRP A 405 -24.71 12.69 1.26
CA TRP A 405 -25.19 13.93 1.87
C TRP A 405 -26.54 14.30 1.28
N SER A 406 -27.54 14.41 2.14
CA SER A 406 -28.87 14.81 1.73
C SER A 406 -28.90 16.29 1.35
N PRO A 407 -29.57 16.65 0.25
CA PRO A 407 -29.63 18.07 -0.18
C PRO A 407 -30.32 18.99 0.83
N GLU A 408 -30.81 18.39 1.91
CA GLU A 408 -31.61 19.04 2.95
C GLU A 408 -31.08 20.42 3.34
N ALA A 409 -32.01 21.37 3.44
CA ALA A 409 -31.73 22.79 3.58
C ALA A 409 -31.10 23.13 4.93
N CYS A 410 -30.26 24.17 4.92
CA CYS A 410 -29.49 24.56 6.10
C CYS A 410 -30.37 25.19 7.17
N ASN A 411 -31.37 25.99 6.78
CA ASN A 411 -32.29 26.62 7.73
C ASN A 411 -31.56 27.47 8.76
N LYS A 412 -30.67 28.34 8.28
CA LYS A 412 -29.89 29.27 9.10
C LYS A 412 -29.19 28.57 10.26
N MET A 413 -28.40 27.56 9.90
CA MET A 413 -27.56 26.82 10.84
C MET A 413 -26.10 26.92 10.44
N CYS A 414 -25.71 28.09 9.94
CA CYS A 414 -24.31 28.44 9.73
C CYS A 414 -24.23 29.96 9.62
N ASP A 415 -23.04 30.49 9.89
CA ASP A 415 -22.89 31.95 9.99
C ASP A 415 -23.20 32.64 8.67
N ASN A 416 -22.71 32.09 7.55
CA ASN A 416 -22.96 32.73 6.26
C ASN A 416 -24.45 32.76 5.92
N CYS A 417 -25.23 31.77 6.38
CA CYS A 417 -26.67 31.81 6.17
C CYS A 417 -27.36 32.79 7.09
N CYS A 418 -26.78 33.08 8.26
CA CYS A 418 -27.43 33.90 9.27
C CYS A 418 -27.13 35.39 9.10
N LYS A 419 -25.92 35.74 8.69
CA LYS A 419 -25.50 37.13 8.66
C LYS A 419 -26.11 37.83 7.45
N GLU A 420 -26.86 38.90 7.71
CA GLU A 420 -27.45 39.71 6.65
C GLU A 420 -26.45 40.78 6.21
N ILE A 421 -25.41 40.31 5.53
CA ILE A 421 -24.36 41.19 5.02
C ILE A 421 -24.36 41.16 3.50
N SER A 422 -23.97 42.30 2.92
CA SER A 422 -23.78 42.48 1.49
C SER A 422 -22.29 42.41 1.16
N PHE A 423 -21.98 42.06 -0.09
CA PHE A 423 -20.60 41.84 -0.48
C PHE A 423 -20.27 42.75 -1.65
N GLU A 424 -18.98 42.86 -1.93
CA GLU A 424 -18.53 43.80 -2.95
C GLU A 424 -17.21 43.31 -3.51
N ARG A 425 -17.03 43.42 -4.82
CA ARG A 425 -15.77 43.03 -5.45
C ARG A 425 -14.83 44.23 -5.52
N LYS A 426 -13.61 44.05 -5.02
CA LYS A 426 -12.58 45.08 -5.05
C LYS A 426 -11.47 44.67 -6.00
N ASN A 427 -10.88 45.66 -6.69
CA ASN A 427 -9.74 45.43 -7.55
C ASN A 427 -8.45 45.38 -6.72
N VAL A 428 -7.72 44.27 -6.81
CA VAL A 428 -6.46 44.06 -6.11
C VAL A 428 -5.29 43.85 -7.07
N THR A 429 -5.49 44.13 -8.37
CA THR A 429 -4.47 43.88 -9.38
C THR A 429 -3.16 44.62 -9.09
N ALA A 430 -3.26 45.90 -8.73
CA ALA A 430 -2.05 46.69 -8.46
C ALA A 430 -1.29 46.16 -7.26
N TYR A 431 -1.99 45.62 -6.25
CA TYR A 431 -1.30 45.02 -5.11
C TYR A 431 -0.53 43.78 -5.53
N CYS A 432 -1.07 43.01 -6.47
CA CYS A 432 -0.37 41.82 -6.95
C CYS A 432 0.92 42.19 -7.69
N ARG A 433 0.84 43.19 -8.57
CA ARG A 433 2.05 43.65 -9.25
C ARG A 433 3.10 44.17 -8.28
N ASP A 434 2.67 44.70 -7.14
CA ASP A 434 3.63 45.11 -6.12
C ASP A 434 4.32 43.90 -5.50
N LEU A 435 3.54 42.89 -5.13
CA LEU A 435 4.11 41.72 -4.48
C LEU A 435 5.08 41.00 -5.41
N ILE A 436 4.76 40.97 -6.70
CA ILE A 436 5.65 40.32 -7.66
C ILE A 436 6.97 41.08 -7.79
N LYS A 437 6.93 42.42 -7.68
CA LYS A 437 8.15 43.21 -7.70
C LYS A 437 9.04 42.86 -6.51
N ILE A 438 8.46 42.80 -5.31
CA ILE A 438 9.21 42.42 -4.12
C ILE A 438 9.81 41.03 -4.29
N LEU A 439 9.03 40.10 -4.83
CA LEU A 439 9.49 38.71 -4.95
C LEU A 439 10.54 38.57 -6.04
N LYS A 440 10.39 39.31 -7.14
CA LYS A 440 11.40 39.26 -8.19
C LYS A 440 12.73 39.86 -7.71
N GLN A 441 12.66 40.95 -6.93
CA GLN A 441 13.90 41.50 -6.38
C GLN A 441 14.56 40.53 -5.41
N ALA A 442 13.78 39.75 -4.68
CA ALA A 442 14.37 38.74 -3.82
C ALA A 442 15.01 37.63 -4.64
N GLU A 443 14.43 37.31 -5.80
CA GLU A 443 15.06 36.32 -6.68
C GLU A 443 16.39 36.82 -7.22
N ASP A 444 16.48 38.10 -7.59
CA ASP A 444 17.75 38.65 -8.05
C ASP A 444 18.80 38.62 -6.96
N LEU A 445 18.37 38.66 -5.70
CA LEU A 445 19.23 38.63 -4.53
C LEU A 445 19.42 37.25 -3.94
N ASN A 446 18.76 36.22 -4.50
CA ASN A 446 18.81 34.87 -3.95
C ASN A 446 18.34 34.86 -2.51
N GLU A 447 17.29 35.63 -2.24
CA GLU A 447 16.67 35.68 -0.93
C GLU A 447 15.30 35.03 -1.00
N LYS A 448 15.05 34.09 -0.09
CA LYS A 448 13.75 33.45 0.03
C LYS A 448 12.93 34.22 1.07
N LEU A 449 11.78 34.74 0.67
CA LEU A 449 10.93 35.50 1.56
C LEU A 449 9.85 34.60 2.13
N THR A 450 9.73 34.58 3.45
CA THR A 450 8.57 34.01 4.11
C THR A 450 7.41 34.99 4.00
N PRO A 451 6.19 34.58 4.34
CA PRO A 451 5.11 35.57 4.41
C PRO A 451 5.45 36.72 5.35
N LEU A 452 6.10 36.43 6.47
CA LEU A 452 6.55 37.47 7.37
C LEU A 452 7.47 38.47 6.67
N LYS A 453 8.51 37.97 5.98
CA LYS A 453 9.40 38.86 5.24
C LYS A 453 8.70 39.56 4.10
N LEU A 454 7.78 38.88 3.41
CA LEU A 454 7.13 39.50 2.26
C LEU A 454 6.21 40.63 2.69
N ILE A 455 5.41 40.40 3.73
CA ILE A 455 4.54 41.46 4.24
C ILE A 455 5.37 42.62 4.79
N ASP A 456 6.47 42.31 5.50
CA ASP A 456 7.32 43.36 6.06
C ASP A 456 7.86 44.27 4.97
N SER A 457 8.38 43.69 3.89
CA SER A 457 8.87 44.50 2.79
C SER A 457 7.75 45.31 2.15
N TRP A 458 6.56 44.71 2.03
CA TRP A 458 5.41 45.42 1.50
C TRP A 458 5.07 46.66 2.33
N MET A 459 5.23 46.57 3.65
CA MET A 459 4.92 47.67 4.55
C MET A 459 6.07 48.66 4.73
N GLY A 460 7.24 48.39 4.16
CA GLY A 460 8.36 49.27 4.39
C GLY A 460 9.10 48.97 5.68
N LYS A 461 9.26 47.68 6.01
CA LYS A 461 9.91 47.26 7.24
C LYS A 461 10.83 46.09 6.88
N GLY A 462 11.42 45.46 7.89
CA GLY A 462 12.30 44.36 7.60
C GLY A 462 13.60 44.88 7.02
N ALA A 463 14.39 43.94 6.50
CA ALA A 463 15.64 44.28 5.84
C ALA A 463 15.40 45.23 4.68
N SER A 464 16.05 46.40 4.72
CA SER A 464 15.96 47.37 3.63
C SER A 464 16.52 46.81 2.33
N LYS A 465 17.28 45.71 2.41
CA LYS A 465 17.75 45.05 1.20
C LYS A 465 16.62 44.37 0.45
N LEU A 466 15.56 43.98 1.17
CA LEU A 466 14.40 43.33 0.58
C LEU A 466 13.29 44.31 0.20
N ARG A 467 13.46 45.60 0.46
CA ARG A 467 12.49 46.61 0.05
C ARG A 467 12.75 47.05 -1.38
N VAL A 468 11.70 47.53 -2.03
CA VAL A 468 11.79 48.05 -3.40
C VAL A 468 11.73 49.57 -3.34
N ALA A 469 12.54 50.23 -4.18
CA ALA A 469 12.79 51.65 -4.03
C ALA A 469 11.51 52.48 -4.11
N GLY A 470 10.81 52.42 -5.24
CA GLY A 470 9.63 53.21 -5.46
C GLY A 470 8.32 52.62 -4.98
N LEU A 471 8.35 51.58 -4.16
CA LEU A 471 7.13 50.88 -3.76
C LEU A 471 6.59 51.49 -2.47
N ALA A 472 5.60 52.36 -2.62
CA ALA A 472 4.92 52.95 -1.47
C ALA A 472 4.13 51.90 -0.70
N PRO A 473 4.19 51.91 0.64
CA PRO A 473 3.44 50.92 1.41
C PRO A 473 1.94 51.13 1.25
N PRO A 474 1.15 50.08 1.39
CA PRO A 474 -0.28 50.15 0.99
C PRO A 474 -1.23 50.88 1.93
N THR A 475 -0.80 51.30 3.12
CA THR A 475 -1.68 51.94 4.11
C THR A 475 -2.94 51.11 4.38
N LEU A 476 -2.74 49.83 4.66
CA LEU A 476 -3.77 48.88 5.05
C LEU A 476 -3.32 48.09 6.27
N PRO A 477 -4.23 47.70 7.15
CA PRO A 477 -3.82 46.91 8.32
C PRO A 477 -3.14 45.62 7.87
N ARG A 478 -2.28 45.09 8.75
CA ARG A 478 -1.52 43.90 8.38
C ARG A 478 -2.41 42.72 8.02
N GLU A 479 -3.62 42.65 8.58
CA GLU A 479 -4.49 41.51 8.32
C GLU A 479 -5.27 41.65 7.03
N ASP A 480 -5.38 42.86 6.48
CA ASP A 480 -5.92 43.00 5.14
C ASP A 480 -4.88 42.56 4.12
N LEU A 481 -3.61 42.88 4.37
CA LEU A 481 -2.53 42.38 3.52
C LEU A 481 -2.41 40.87 3.62
N GLU A 482 -2.70 40.31 4.80
CA GLU A 482 -2.73 38.86 4.94
C GLU A 482 -3.86 38.27 4.09
N LYS A 483 -5.04 38.87 4.15
CA LYS A 483 -6.18 38.41 3.36
C LYS A 483 -5.87 38.47 1.87
N ILE A 484 -5.18 39.52 1.43
CA ILE A 484 -4.86 39.70 0.03
C ILE A 484 -3.90 38.62 -0.44
N ILE A 485 -2.83 38.37 0.33
CA ILE A 485 -1.85 37.36 -0.03
C ILE A 485 -2.48 35.97 0.01
N ALA A 486 -3.35 35.71 0.99
CA ALA A 486 -4.04 34.43 1.03
C ALA A 486 -4.89 34.23 -0.22
N HIS A 487 -5.56 35.28 -0.68
CA HIS A 487 -6.31 35.21 -1.93
C HIS A 487 -5.39 34.95 -3.12
N PHE A 488 -4.24 35.62 -3.17
CA PHE A 488 -3.30 35.38 -4.26
C PHE A 488 -2.68 33.98 -4.20
N LEU A 489 -2.64 33.37 -3.03
CA LEU A 489 -2.10 32.01 -2.94
C LEU A 489 -3.12 30.99 -3.43
N ILE A 490 -4.38 31.11 -3.02
CA ILE A 490 -5.42 30.20 -3.49
C ILE A 490 -5.61 30.34 -5.00
N GLN A 491 -5.71 31.57 -5.50
CA GLN A 491 -5.82 31.77 -6.94
C GLN A 491 -4.52 31.53 -7.70
N GLN A 492 -3.46 31.11 -7.01
CA GLN A 492 -2.17 30.78 -7.62
C GLN A 492 -1.56 31.92 -8.42
N TYR A 493 -1.82 33.17 -8.02
CA TYR A 493 -0.95 34.26 -8.46
C TYR A 493 0.34 34.24 -7.66
N LEU A 494 0.27 33.72 -6.43
CA LEU A 494 1.44 33.37 -5.63
C LEU A 494 1.39 31.88 -5.35
N LYS A 495 2.54 31.33 -4.99
CA LYS A 495 2.61 29.90 -4.74
C LYS A 495 3.58 29.65 -3.61
N GLU A 496 3.44 28.49 -2.98
CA GLU A 496 4.30 28.13 -1.86
C GLU A 496 5.56 27.45 -2.37
N ASP A 497 6.66 27.72 -1.68
CA ASP A 497 7.93 27.06 -1.94
C ASP A 497 8.38 26.52 -0.60
N TYR A 498 8.66 25.21 -0.54
CA TYR A 498 9.05 24.60 0.72
C TYR A 498 10.56 24.50 0.81
N SER A 499 11.08 24.75 2.01
CA SER A 499 12.51 24.66 2.28
C SER A 499 12.69 23.71 3.45
N PHE A 500 13.48 22.67 3.24
CA PHE A 500 13.71 21.66 4.26
C PHE A 500 14.94 22.07 5.07
N THR A 501 14.69 22.48 6.31
CA THR A 501 15.73 22.83 7.27
C THR A 501 15.94 21.68 8.23
N ALA A 502 17.07 21.72 8.94
CA ALA A 502 17.50 20.60 9.78
C ALA A 502 16.38 20.07 10.65
N TYR A 503 15.53 20.96 11.19
CA TYR A 503 14.57 20.56 12.19
C TYR A 503 13.12 20.78 11.81
N ALA A 504 12.83 21.39 10.65
CA ALA A 504 11.44 21.62 10.27
C ALA A 504 11.37 21.98 8.79
N THR A 505 10.19 21.78 8.22
CA THR A 505 9.87 22.26 6.88
C THR A 505 9.30 23.67 6.99
N ILE A 506 9.75 24.55 6.09
CA ILE A 506 9.43 25.97 6.17
C ILE A 506 8.84 26.40 4.84
N SER A 507 7.85 27.30 4.89
CA SER A 507 7.18 27.79 3.69
C SER A 507 7.71 29.16 3.31
N TYR A 508 8.02 29.31 2.03
CA TYR A 508 8.38 30.57 1.41
C TYR A 508 7.35 30.87 0.33
N LEU A 509 7.21 32.14 -0.01
CA LEU A 509 6.30 32.50 -1.09
C LEU A 509 7.11 32.79 -2.35
N LYS A 510 6.49 32.54 -3.50
CA LYS A 510 7.14 32.73 -4.79
C LYS A 510 6.09 33.15 -5.79
N VAL A 511 6.56 33.66 -6.93
CA VAL A 511 5.65 34.06 -8.01
C VAL A 511 4.91 32.84 -8.51
N GLY A 512 3.58 32.89 -8.46
CA GLY A 512 2.76 31.76 -8.83
C GLY A 512 2.58 31.63 -10.32
N PRO A 513 1.99 30.50 -10.73
CA PRO A 513 1.87 30.24 -12.18
C PRO A 513 0.90 31.16 -12.91
N LYS A 514 -0.04 31.79 -12.22
CA LYS A 514 -0.99 32.68 -12.88
C LYS A 514 -0.52 34.12 -12.93
N ALA A 515 0.68 34.42 -12.41
CA ALA A 515 1.20 35.77 -12.43
C ALA A 515 1.52 36.26 -13.84
N ASN A 516 1.75 35.35 -14.79
CA ASN A 516 2.02 35.78 -16.15
C ASN A 516 0.82 36.48 -16.77
N LEU A 517 -0.39 36.22 -16.27
CA LEU A 517 -1.58 36.88 -16.78
C LEU A 517 -1.51 38.39 -16.60
N LEU A 518 -0.71 38.87 -15.65
CA LEU A 518 -0.54 40.29 -15.40
C LEU A 518 0.37 40.96 -16.43
N ASN A 519 0.88 40.22 -17.41
CA ASN A 519 1.57 40.85 -18.53
C ASN A 519 0.56 41.49 -19.48
N ASN A 520 -0.63 40.92 -19.58
CA ASN A 520 -1.73 41.55 -20.32
C ASN A 520 -2.40 42.56 -19.40
N GLU A 521 -2.24 43.85 -19.72
CA GLU A 521 -2.80 44.92 -18.91
C GLU A 521 -4.30 44.80 -18.68
N ALA A 522 -5.01 44.04 -19.55
CA ALA A 522 -6.45 43.89 -19.42
C ALA A 522 -6.87 42.89 -18.34
N HIS A 523 -5.93 42.11 -17.80
CA HIS A 523 -6.26 41.16 -16.73
C HIS A 523 -6.48 41.89 -15.42
N VAL A 524 -7.62 41.64 -14.77
CA VAL A 524 -7.99 42.31 -13.53
C VAL A 524 -8.23 41.26 -12.47
N ILE A 525 -7.53 41.38 -11.34
CA ILE A 525 -7.70 40.51 -10.18
C ILE A 525 -8.63 41.20 -9.19
N THR A 526 -9.76 40.58 -8.90
CA THR A 526 -10.73 41.12 -7.95
C THR A 526 -10.81 40.23 -6.71
N MET A 527 -11.45 40.76 -5.67
CA MET A 527 -11.64 40.05 -4.41
C MET A 527 -13.00 40.39 -3.85
N ARG A 528 -13.73 39.37 -3.38
CA ARG A 528 -15.00 39.61 -2.72
C ARG A 528 -14.72 40.00 -1.27
N VAL A 529 -15.27 41.14 -0.84
CA VAL A 529 -15.11 41.63 0.52
C VAL A 529 -16.47 41.87 1.15
N LYS A 530 -16.47 41.94 2.48
CA LYS A 530 -17.68 42.24 3.22
C LYS A 530 -17.95 43.74 3.10
N LYS A 531 -19.21 44.10 2.89
CA LYS A 531 -19.59 45.52 2.81
C LYS A 531 -20.52 45.90 3.95
N SER B 2 7.87 7.84 -27.97
CA SER B 2 9.18 7.44 -27.50
C SER B 2 9.83 6.44 -28.45
N SER B 3 10.59 6.96 -29.42
CA SER B 3 11.30 6.13 -30.38
C SER B 3 12.76 6.03 -29.97
N PRO B 4 13.27 4.83 -29.66
CA PRO B 4 14.67 4.72 -29.25
C PRO B 4 15.65 4.95 -30.37
N ALA B 5 15.24 4.80 -31.63
CA ALA B 5 16.14 4.95 -32.76
C ALA B 5 16.85 6.31 -32.73
N SER B 6 16.10 7.38 -32.46
CA SER B 6 16.68 8.72 -32.44
C SER B 6 17.72 8.88 -31.35
N TRP B 7 17.67 8.05 -30.32
CA TRP B 7 18.63 8.10 -29.22
C TRP B 7 19.77 7.10 -29.37
N ASN B 8 19.65 6.16 -30.32
CA ASN B 8 20.65 5.13 -30.53
C ASN B 8 21.78 5.68 -31.41
N LYS B 9 22.54 6.60 -30.82
CA LYS B 9 23.66 7.23 -31.53
C LYS B 9 24.68 7.71 -30.51
N GLU B 10 25.86 8.04 -31.01
CA GLU B 10 27.03 8.33 -30.19
C GLU B 10 27.69 9.64 -30.61
N ASP B 11 26.88 10.64 -30.97
CA ASP B 11 27.41 11.93 -31.43
C ASP B 11 27.06 13.06 -30.47
N PHE B 12 26.93 12.75 -29.20
CA PHE B 12 26.70 13.73 -28.15
C PHE B 12 28.03 14.19 -27.56
N PRO B 13 28.05 15.36 -26.91
CA PRO B 13 29.29 15.82 -26.28
C PRO B 13 29.84 14.82 -25.27
N TRP B 14 28.96 14.14 -24.53
CA TRP B 14 29.37 13.18 -23.51
C TRP B 14 29.66 11.80 -24.09
N SER B 15 29.43 11.59 -25.39
CA SER B 15 29.53 10.24 -25.96
C SER B 15 30.94 9.67 -25.81
N GLY B 16 31.96 10.52 -25.98
CA GLY B 16 33.32 10.05 -25.75
C GLY B 16 33.56 9.68 -24.30
N LYS B 17 33.12 10.54 -23.39
CA LYS B 17 33.22 10.24 -21.96
C LYS B 17 32.44 9.00 -21.59
N VAL B 18 31.28 8.79 -22.23
CA VAL B 18 30.45 7.64 -21.87
C VAL B 18 31.13 6.34 -22.26
N LYS B 19 31.70 6.27 -23.47
CA LYS B 19 32.42 5.06 -23.85
C LYS B 19 33.69 4.87 -23.02
N ASP B 20 34.41 5.97 -22.77
CA ASP B 20 35.54 5.94 -21.83
C ASP B 20 35.15 5.21 -20.55
N VAL B 21 34.11 5.71 -19.86
CA VAL B 21 33.68 5.13 -18.59
C VAL B 21 33.22 3.70 -18.78
N LEU B 22 32.47 3.43 -19.85
CA LEU B 22 31.92 2.09 -20.06
C LEU B 22 33.02 1.04 -20.13
N GLN B 23 34.10 1.33 -20.85
CA GLN B 23 35.16 0.34 -21.06
C GLN B 23 36.26 0.39 -20.00
N ASN B 24 36.48 1.53 -19.36
CA ASN B 24 37.61 1.69 -18.45
C ASN B 24 37.25 1.71 -16.97
N VAL B 25 35.96 1.72 -16.62
CA VAL B 25 35.54 1.70 -15.24
C VAL B 25 34.68 0.46 -15.01
N PHE B 26 33.59 0.37 -15.76
CA PHE B 26 32.70 -0.79 -15.67
C PHE B 26 33.26 -1.97 -16.44
N LYS B 27 34.11 -1.72 -17.44
CA LYS B 27 34.84 -2.72 -18.23
C LYS B 27 33.88 -3.62 -19.01
N LEU B 28 32.90 -3.00 -19.67
CA LEU B 28 32.04 -3.67 -20.62
C LEU B 28 32.50 -3.29 -22.03
N GLN B 29 32.25 -4.17 -23.00
CA GLN B 29 32.71 -3.80 -24.32
C GLN B 29 31.67 -3.04 -25.14
N LYS B 30 30.41 -3.47 -25.08
CA LYS B 30 29.33 -2.83 -25.82
C LYS B 30 28.11 -2.67 -24.92
N PHE B 31 27.19 -1.80 -25.35
CA PHE B 31 25.93 -1.62 -24.65
C PHE B 31 24.95 -2.72 -25.06
N ARG B 32 24.13 -3.14 -24.09
CA ARG B 32 23.01 -4.00 -24.41
C ARG B 32 21.89 -3.13 -24.97
N PRO B 33 20.88 -3.73 -25.61
CA PRO B 33 19.83 -2.91 -26.21
C PRO B 33 19.20 -1.97 -25.19
N LEU B 34 18.96 -0.73 -25.64
CA LEU B 34 18.26 0.33 -24.92
C LEU B 34 19.12 0.97 -23.84
N GLN B 35 20.34 0.48 -23.61
CA GLN B 35 21.21 1.07 -22.59
C GLN B 35 21.73 2.45 -23.04
N LEU B 36 22.28 2.51 -24.24
CA LEU B 36 22.81 3.78 -24.74
C LEU B 36 21.69 4.81 -24.90
N GLU B 37 20.54 4.38 -25.43
CA GLU B 37 19.42 5.29 -25.58
C GLU B 37 18.95 5.84 -24.23
N THR B 38 18.84 4.96 -23.23
CA THR B 38 18.43 5.42 -21.90
C THR B 38 19.47 6.34 -21.30
N ILE B 39 20.75 5.96 -21.40
CA ILE B 39 21.82 6.83 -20.90
C ILE B 39 21.79 8.18 -21.59
N ASN B 40 21.59 8.19 -22.90
CA ASN B 40 21.56 9.45 -23.64
C ASN B 40 20.40 10.34 -23.20
N VAL B 41 19.26 9.75 -22.86
CA VAL B 41 18.12 10.56 -22.44
C VAL B 41 18.39 11.21 -21.08
N THR B 42 18.96 10.45 -20.15
CA THR B 42 19.31 11.03 -18.85
C THR B 42 20.41 12.08 -19.01
N MET B 43 21.44 11.78 -19.80
CA MET B 43 22.55 12.72 -19.97
C MET B 43 22.10 14.05 -20.57
N SER B 44 21.09 14.03 -21.44
CA SER B 44 20.54 15.28 -21.96
C SER B 44 19.55 15.93 -21.00
N GLY B 45 19.42 15.41 -19.79
CA GLY B 45 18.62 16.06 -18.76
C GLY B 45 17.12 15.80 -18.81
N LYS B 46 16.68 14.75 -19.48
CA LYS B 46 15.26 14.45 -19.59
C LYS B 46 14.90 13.24 -18.74
N GLU B 47 13.60 13.13 -18.45
CA GLU B 47 13.05 12.03 -17.67
C GLU B 47 12.86 10.80 -18.54
N VAL B 48 13.18 9.64 -17.99
CA VAL B 48 13.14 8.39 -18.74
C VAL B 48 12.75 7.26 -17.81
N PHE B 49 11.90 6.39 -18.32
CA PHE B 49 11.49 5.15 -17.65
C PHE B 49 12.01 4.00 -18.49
N LEU B 50 12.74 3.08 -17.87
CA LEU B 50 13.31 1.95 -18.59
C LEU B 50 12.70 0.67 -18.04
N VAL B 51 12.01 -0.06 -18.92
CA VAL B 51 11.39 -1.33 -18.59
C VAL B 51 12.26 -2.42 -19.19
N MET B 52 12.90 -3.21 -18.34
CA MET B 52 13.86 -4.18 -18.80
C MET B 52 13.85 -5.33 -17.81
N PRO B 53 13.93 -6.58 -18.28
CA PRO B 53 13.90 -7.72 -17.36
C PRO B 53 15.01 -7.64 -16.32
N THR B 54 14.77 -8.34 -15.21
CA THR B 54 15.80 -8.46 -14.18
C THR B 54 17.06 -9.06 -14.75
N GLY B 55 18.21 -8.50 -14.38
CA GLY B 55 19.46 -8.91 -14.98
C GLY B 55 19.76 -8.29 -16.32
N GLY B 56 18.84 -7.51 -16.89
CA GLY B 56 19.04 -6.93 -18.20
C GLY B 56 20.12 -5.88 -18.26
N GLY B 57 20.45 -5.27 -17.11
CA GLY B 57 21.43 -4.19 -17.09
C GLY B 57 20.83 -2.82 -16.86
N LYS B 58 19.78 -2.75 -16.05
CA LYS B 58 19.15 -1.47 -15.78
C LYS B 58 20.03 -0.57 -14.91
N SER B 59 20.71 -1.17 -13.93
CA SER B 59 21.51 -0.37 -12.99
C SER B 59 22.53 0.50 -13.71
N LEU B 60 23.17 -0.03 -14.75
CA LEU B 60 24.18 0.73 -15.47
C LEU B 60 23.62 2.01 -16.05
N CYS B 61 22.35 2.02 -16.45
CA CYS B 61 21.76 3.18 -17.08
C CYS B 61 21.70 4.40 -16.16
N TYR B 62 21.80 4.21 -14.84
CA TYR B 62 21.97 5.34 -13.94
C TYR B 62 23.34 5.42 -13.29
N GLN B 63 24.04 4.29 -13.15
CA GLN B 63 25.36 4.33 -12.53
C GLN B 63 26.38 4.98 -13.45
N LEU B 64 26.37 4.63 -14.73
CA LEU B 64 27.28 5.25 -15.68
C LEU B 64 27.06 6.77 -15.81
N PRO B 65 25.82 7.26 -15.96
CA PRO B 65 25.64 8.73 -15.99
C PRO B 65 26.12 9.44 -14.74
N ALA B 66 26.04 8.77 -13.58
CA ALA B 66 26.54 9.37 -12.35
C ALA B 66 28.03 9.68 -12.45
N LEU B 67 28.78 8.78 -13.09
CA LEU B 67 30.22 8.96 -13.21
C LEU B 67 30.58 10.05 -14.22
N CYS B 68 29.69 10.37 -15.15
CA CYS B 68 29.92 11.40 -16.15
C CYS B 68 29.30 12.75 -15.78
N SER B 69 28.64 12.85 -14.62
CA SER B 69 27.98 14.08 -14.20
C SER B 69 28.69 14.67 -12.99
N ASP B 70 28.36 15.91 -12.69
CA ASP B 70 28.87 16.56 -11.49
C ASP B 70 28.06 16.15 -10.27
N GLY B 71 28.75 16.00 -9.14
CA GLY B 71 28.07 15.65 -7.91
C GLY B 71 27.68 14.18 -7.84
N PHE B 72 26.58 13.92 -7.15
CA PHE B 72 26.14 12.56 -6.88
C PHE B 72 24.75 12.33 -7.45
N THR B 73 24.42 11.05 -7.62
CA THR B 73 23.10 10.61 -8.04
C THR B 73 22.42 9.92 -6.87
N LEU B 74 21.22 10.37 -6.54
CA LEU B 74 20.46 9.75 -5.46
C LEU B 74 19.67 8.58 -6.02
N VAL B 75 19.82 7.42 -5.40
CA VAL B 75 19.13 6.21 -5.81
C VAL B 75 18.11 5.85 -4.74
N ILE B 76 16.86 5.70 -5.15
CA ILE B 76 15.77 5.25 -4.29
C ILE B 76 15.63 3.75 -4.48
N CYS B 77 15.97 2.97 -3.45
CA CYS B 77 15.84 1.53 -3.58
C CYS B 77 14.98 0.99 -2.44
N PRO B 78 14.14 -0.02 -2.71
CA PRO B 78 13.19 -0.46 -1.68
C PRO B 78 13.75 -1.40 -0.63
N LEU B 79 14.79 -2.16 -0.95
CA LEU B 79 15.30 -3.17 -0.05
C LEU B 79 16.77 -2.91 0.24
N ILE B 80 17.19 -3.20 1.47
CA ILE B 80 18.60 -3.03 1.82
C ILE B 80 19.48 -4.01 1.07
N SER B 81 19.00 -5.25 0.91
CA SER B 81 19.77 -6.26 0.18
C SER B 81 20.03 -5.86 -1.27
N LEU B 82 19.10 -5.15 -1.89
CA LEU B 82 19.30 -4.73 -3.29
C LEU B 82 20.37 -3.66 -3.42
N MET B 83 20.36 -2.66 -2.52
CA MET B 83 21.39 -1.63 -2.55
C MET B 83 22.76 -2.19 -2.20
N GLU B 84 22.83 -3.18 -1.30
CA GLU B 84 24.10 -3.85 -1.02
C GLU B 84 24.59 -4.61 -2.24
N ASP B 85 23.68 -5.21 -3.01
CA ASP B 85 24.06 -5.86 -4.26
C ASP B 85 24.77 -4.88 -5.20
N GLN B 86 24.26 -3.65 -5.30
CA GLN B 86 24.91 -2.63 -6.14
C GLN B 86 26.20 -2.13 -5.50
N LEU B 87 26.18 -1.88 -4.18
CA LEU B 87 27.37 -1.36 -3.51
C LEU B 87 28.54 -2.33 -3.58
N MET B 88 28.26 -3.64 -3.66
CA MET B 88 29.35 -4.60 -3.81
C MET B 88 30.03 -4.46 -5.16
N VAL B 89 29.25 -4.28 -6.23
CA VAL B 89 29.81 -4.14 -7.57
C VAL B 89 30.59 -2.83 -7.69
N LEU B 90 30.00 -1.73 -7.22
CA LEU B 90 30.63 -0.42 -7.36
C LEU B 90 31.96 -0.36 -6.62
N LYS B 91 32.02 -0.95 -5.42
CA LYS B 91 33.29 -1.02 -4.70
C LYS B 91 34.33 -1.80 -5.49
N GLN B 92 33.92 -2.89 -6.14
CA GLN B 92 34.86 -3.69 -6.92
C GLN B 92 35.45 -2.86 -8.05
N LEU B 93 34.64 -2.01 -8.66
CA LEU B 93 35.05 -1.22 -9.81
C LEU B 93 35.77 0.07 -9.42
N GLY B 94 35.92 0.33 -8.13
CA GLY B 94 36.57 1.55 -7.68
C GLY B 94 35.69 2.78 -7.74
N ILE B 95 34.37 2.62 -7.68
CA ILE B 95 33.46 3.76 -7.71
C ILE B 95 33.04 4.06 -6.28
N SER B 96 33.12 5.34 -5.90
CA SER B 96 32.73 5.76 -4.57
C SER B 96 31.21 5.82 -4.49
N ALA B 97 30.62 4.97 -3.66
CA ALA B 97 29.19 4.97 -3.45
C ALA B 97 28.91 4.56 -2.01
N THR B 98 27.72 4.92 -1.52
CA THR B 98 27.37 4.63 -0.14
C THR B 98 25.85 4.46 -0.04
N MET B 99 25.38 4.18 1.18
CA MET B 99 23.97 3.97 1.44
C MET B 99 23.60 4.55 2.81
N LEU B 100 22.31 4.86 2.96
CA LEU B 100 21.74 5.30 4.22
C LEU B 100 20.47 4.49 4.49
N ASN B 101 20.39 3.89 5.67
CA ASN B 101 19.23 3.10 6.04
C ASN B 101 18.86 3.38 7.50
N ALA B 102 17.84 2.66 7.98
CA ALA B 102 17.35 2.89 9.33
C ALA B 102 18.41 2.56 10.38
N SER B 103 19.18 1.51 10.16
CA SER B 103 20.20 1.03 11.09
C SER B 103 21.54 1.75 10.92
N SER B 104 21.59 2.79 10.09
CA SER B 104 22.87 3.43 9.79
C SER B 104 23.44 4.08 11.05
N PRO B 105 24.73 3.87 11.35
CA PRO B 105 25.31 4.43 12.56
C PRO B 105 25.49 5.94 12.43
N LYS B 106 25.46 6.61 13.58
CA LYS B 106 25.41 8.06 13.60
C LYS B 106 26.64 8.67 12.92
N GLU B 107 27.80 8.02 13.07
CA GLU B 107 29.02 8.51 12.46
C GLU B 107 29.02 8.33 10.95
N HIS B 108 28.31 7.31 10.43
CA HIS B 108 28.20 7.15 9.00
C HIS B 108 27.21 8.15 8.41
N VAL B 109 26.13 8.43 9.13
CA VAL B 109 25.17 9.44 8.70
C VAL B 109 25.84 10.81 8.64
N LYS B 110 26.57 11.16 9.70
CA LYS B 110 27.31 12.42 9.69
C LYS B 110 28.30 12.49 8.54
N TRP B 111 28.99 11.38 8.26
CA TRP B 111 29.94 11.36 7.14
C TRP B 111 29.24 11.63 5.81
N VAL B 112 28.20 10.84 5.50
CA VAL B 112 27.44 11.03 4.27
C VAL B 112 26.92 12.46 4.17
N HIS B 113 26.34 12.95 5.27
CA HIS B 113 25.78 14.30 5.29
C HIS B 113 26.81 15.35 4.91
N ALA B 114 28.07 15.16 5.29
CA ALA B 114 29.10 16.13 4.96
C ALA B 114 29.57 15.97 3.53
N GLU B 115 29.69 14.73 3.05
CA GLU B 115 30.10 14.51 1.67
C GLU B 115 29.09 15.09 0.67
N MET B 116 27.81 15.11 1.03
CA MET B 116 26.80 15.64 0.10
C MET B 116 27.00 17.13 -0.16
N VAL B 117 27.48 17.88 0.83
CA VAL B 117 27.73 19.30 0.67
C VAL B 117 29.19 19.62 0.44
N ASN B 118 30.05 18.60 0.37
CA ASN B 118 31.48 18.79 0.15
C ASN B 118 31.71 18.91 -1.37
N LYS B 119 32.08 20.11 -1.82
CA LYS B 119 32.19 20.37 -3.25
C LYS B 119 33.25 19.51 -3.92
N ASN B 120 34.18 18.95 -3.15
CA ASN B 120 35.23 18.08 -3.67
C ASN B 120 35.03 16.62 -3.27
N SER B 121 33.79 16.21 -3.03
CA SER B 121 33.54 14.84 -2.61
C SER B 121 33.59 13.88 -3.80
N LYS B 122 34.09 12.67 -3.54
CA LYS B 122 34.13 11.62 -4.53
C LYS B 122 32.86 10.79 -4.59
N LEU B 123 31.93 10.96 -3.65
CA LEU B 123 30.68 10.22 -3.70
C LEU B 123 29.94 10.53 -5.00
N LYS B 124 29.69 9.48 -5.78
CA LYS B 124 28.93 9.58 -7.02
C LYS B 124 27.52 9.04 -6.91
N LEU B 125 27.28 8.10 -6.00
CA LEU B 125 25.97 7.48 -5.85
C LEU B 125 25.65 7.35 -4.37
N ILE B 126 24.44 7.75 -3.99
CA ILE B 126 23.96 7.61 -2.63
C ILE B 126 22.65 6.84 -2.68
N TYR B 127 22.65 5.65 -2.11
CA TYR B 127 21.49 4.76 -2.11
C TYR B 127 20.71 4.97 -0.81
N VAL B 128 19.42 5.27 -0.93
CA VAL B 128 18.59 5.44 0.26
C VAL B 128 17.27 4.70 0.06
N THR B 129 16.65 4.38 1.17
CA THR B 129 15.33 3.81 1.25
C THR B 129 14.29 4.94 1.19
N PRO B 130 13.07 4.65 0.71
CA PRO B 130 12.07 5.72 0.60
C PRO B 130 11.72 6.34 1.94
N GLU B 131 11.97 5.67 3.07
CA GLU B 131 11.74 6.32 4.35
C GLU B 131 12.72 7.45 4.59
N LYS B 132 13.94 7.36 4.05
CA LYS B 132 14.88 8.48 4.16
C LYS B 132 14.38 9.73 3.47
N ILE B 133 13.45 9.62 2.53
CA ILE B 133 12.88 10.81 1.90
C ILE B 133 11.70 11.34 2.68
N ALA B 134 10.79 10.44 3.09
CA ALA B 134 9.57 10.88 3.75
C ALA B 134 9.77 11.19 5.23
N LYS B 135 10.64 10.45 5.90
CA LYS B 135 10.71 10.48 7.36
C LYS B 135 12.08 10.91 7.87
N SER B 136 12.79 11.76 7.14
CA SER B 136 14.07 12.28 7.61
C SER B 136 14.16 13.77 7.27
N LYS B 137 13.87 14.63 8.26
CA LYS B 137 14.07 16.06 8.07
C LYS B 137 15.54 16.37 7.74
N MET B 138 16.46 15.75 8.49
CA MET B 138 17.87 16.05 8.31
CA MET B 138 17.87 16.05 8.31
C MET B 138 18.36 15.73 6.90
N PHE B 139 17.96 14.57 6.37
CA PHE B 139 18.44 14.18 5.04
C PHE B 139 17.88 15.09 3.96
N MET B 140 16.57 15.39 4.03
CA MET B 140 16.01 16.32 3.06
C MET B 140 16.67 17.68 3.16
N SER B 141 17.05 18.07 4.38
CA SER B 141 17.75 19.33 4.56
C SER B 141 19.10 19.32 3.85
N ARG B 142 19.84 18.22 3.95
CA ARG B 142 21.11 18.14 3.23
C ARG B 142 20.90 18.03 1.74
N LEU B 143 19.87 17.28 1.31
CA LEU B 143 19.55 17.20 -0.11
C LEU B 143 19.30 18.58 -0.71
N GLU B 144 18.59 19.43 0.02
CA GLU B 144 18.33 20.79 -0.47
C GLU B 144 19.61 21.59 -0.60
N LYS B 145 20.46 21.55 0.43
CA LYS B 145 21.77 22.20 0.32
C LYS B 145 22.56 21.66 -0.86
N ALA B 146 22.63 20.33 -0.97
CA ALA B 146 23.35 19.71 -2.09
C ALA B 146 22.76 20.14 -3.43
N TYR B 147 21.43 20.24 -3.50
CA TYR B 147 20.80 20.62 -4.77
C TYR B 147 21.09 22.07 -5.13
N GLU B 148 21.06 22.96 -4.15
CA GLU B 148 21.37 24.37 -4.42
C GLU B 148 22.83 24.55 -4.83
N ALA B 149 23.73 23.76 -4.25
CA ALA B 149 25.15 23.79 -4.62
C ALA B 149 25.43 23.07 -5.92
N ARG B 150 24.39 22.64 -6.62
CA ARG B 150 24.49 21.92 -7.89
C ARG B 150 25.30 20.63 -7.75
N ARG B 151 25.29 20.03 -6.55
CA ARG B 151 25.94 18.74 -6.35
C ARG B 151 24.97 17.58 -6.49
N PHE B 152 23.67 17.82 -6.30
CA PHE B 152 22.64 16.80 -6.43
C PHE B 152 21.96 17.03 -7.77
N THR B 153 22.27 16.17 -8.74
CA THR B 153 21.91 16.40 -10.13
C THR B 153 20.99 15.33 -10.74
N ARG B 154 20.98 14.10 -10.21
CA ARG B 154 20.19 13.04 -10.79
C ARG B 154 19.47 12.25 -9.71
N ILE B 155 18.29 11.73 -10.07
CA ILE B 155 17.50 10.85 -9.20
C ILE B 155 17.24 9.56 -9.96
N ALA B 156 17.48 8.43 -9.30
CA ALA B 156 17.15 7.11 -9.84
C ALA B 156 16.20 6.41 -8.89
N VAL B 157 15.03 6.01 -9.39
CA VAL B 157 14.03 5.31 -8.61
C VAL B 157 13.99 3.87 -9.11
N ASP B 158 14.68 2.97 -8.41
CA ASP B 158 14.63 1.56 -8.75
C ASP B 158 13.31 0.95 -8.29
N GLU B 159 12.79 0.00 -9.08
CA GLU B 159 11.48 -0.61 -8.82
C GLU B 159 10.38 0.45 -8.79
N VAL B 160 10.41 1.34 -9.79
CA VAL B 160 9.52 2.49 -9.84
C VAL B 160 8.04 2.09 -9.91
N HIS B 161 7.75 0.80 -10.14
CA HIS B 161 6.35 0.36 -10.16
C HIS B 161 5.72 0.43 -8.78
N CYS B 162 6.54 0.32 -7.72
CA CYS B 162 6.07 0.45 -6.34
C CYS B 162 5.38 1.78 -6.07
N CYS B 163 5.57 2.77 -6.94
CA CYS B 163 4.90 4.06 -6.79
C CYS B 163 3.38 3.88 -6.84
N SER B 164 2.90 3.23 -7.89
CA SER B 164 1.47 3.15 -8.19
C SER B 164 0.80 2.02 -7.41
N GLN B 165 -0.36 2.35 -6.85
CA GLN B 165 -1.16 1.44 -6.06
C GLN B 165 -2.00 0.55 -6.95
N TRP B 166 -2.16 0.91 -8.22
CA TRP B 166 -2.83 0.03 -9.18
C TRP B 166 -2.06 -1.27 -9.35
N GLY B 167 -0.87 -1.39 -8.76
CA GLY B 167 -0.06 -2.59 -8.85
C GLY B 167 0.12 -3.20 -7.48
N HIS B 168 0.41 -4.50 -7.44
CA HIS B 168 0.45 -5.28 -6.19
C HIS B 168 1.70 -5.06 -5.34
N ASP B 169 2.76 -4.47 -5.87
CA ASP B 169 3.96 -4.20 -5.09
C ASP B 169 4.01 -2.76 -4.59
N PHE B 170 2.85 -2.16 -4.34
CA PHE B 170 2.79 -0.79 -3.84
C PHE B 170 3.43 -0.68 -2.48
N ARG B 171 4.48 0.14 -2.39
CA ARG B 171 5.18 0.45 -1.15
C ARG B 171 4.71 1.82 -0.68
N PRO B 172 4.01 1.92 0.45
CA PRO B 172 3.45 3.22 0.89
C PRO B 172 4.42 4.39 0.82
N ASP B 173 5.69 4.20 1.22
CA ASP B 173 6.61 5.32 1.22
C ASP B 173 6.96 5.80 -0.19
N TYR B 174 6.77 4.95 -1.20
CA TYR B 174 6.92 5.38 -2.59
C TYR B 174 5.92 6.46 -2.98
N LYS B 175 4.80 6.58 -2.26
CA LYS B 175 3.84 7.64 -2.54
C LYS B 175 4.47 9.02 -2.35
N ALA B 176 5.28 9.20 -1.31
CA ALA B 176 5.86 10.50 -1.03
C ALA B 176 6.98 10.87 -1.98
N LEU B 177 7.44 9.95 -2.83
CA LEU B 177 8.58 10.23 -3.69
C LEU B 177 8.29 11.29 -4.75
N GLY B 178 7.05 11.76 -4.85
CA GLY B 178 6.77 12.91 -5.70
C GLY B 178 7.43 14.18 -5.23
N ILE B 179 7.80 14.24 -3.95
CA ILE B 179 8.48 15.41 -3.39
C ILE B 179 9.79 15.69 -4.13
N LEU B 180 10.45 14.64 -4.64
CA LEU B 180 11.76 14.80 -5.26
C LEU B 180 11.69 15.73 -6.46
N LYS B 181 10.79 15.46 -7.40
CA LYS B 181 10.67 16.30 -8.58
C LYS B 181 10.11 17.67 -8.23
N ARG B 182 9.19 17.71 -7.26
CA ARG B 182 8.62 18.99 -6.81
C ARG B 182 9.70 19.87 -6.20
N GLN B 183 10.56 19.31 -5.35
CA GLN B 183 11.59 20.09 -4.66
C GLN B 183 12.85 20.27 -5.49
N PHE B 184 13.20 19.30 -6.35
CA PHE B 184 14.46 19.31 -7.09
C PHE B 184 14.18 19.19 -8.59
N PRO B 185 13.52 20.19 -9.18
CA PRO B 185 13.08 20.06 -10.58
C PRO B 185 14.21 19.99 -11.59
N ASN B 186 15.37 20.60 -11.33
CA ASN B 186 16.43 20.54 -12.32
C ASN B 186 17.19 19.22 -12.28
N ALA B 187 16.91 18.36 -11.31
CA ALA B 187 17.47 17.02 -11.29
C ALA B 187 16.60 16.12 -12.14
N SER B 188 17.21 15.47 -13.14
CA SER B 188 16.46 14.55 -13.97
C SER B 188 16.21 13.26 -13.20
N LEU B 189 15.10 12.60 -13.53
CA LEU B 189 14.70 11.39 -12.84
C LEU B 189 14.60 10.24 -13.82
N ILE B 190 15.11 9.08 -13.41
CA ILE B 190 15.04 7.86 -14.20
C ILE B 190 14.34 6.79 -13.36
N GLY B 191 13.37 6.11 -13.97
CA GLY B 191 12.64 5.05 -13.32
C GLY B 191 12.96 3.68 -13.89
N LEU B 192 13.43 2.77 -13.05
CA LEU B 192 13.81 1.43 -13.48
C LEU B 192 12.80 0.43 -12.93
N THR B 193 12.37 -0.50 -13.78
CA THR B 193 11.42 -1.53 -13.39
C THR B 193 11.52 -2.70 -14.37
N ALA B 194 11.11 -3.86 -13.90
CA ALA B 194 10.97 -5.06 -14.72
C ALA B 194 9.53 -5.31 -15.15
N THR B 195 8.55 -4.63 -14.53
CA THR B 195 7.15 -4.84 -14.84
C THR B 195 6.75 -3.86 -15.94
N ALA B 196 6.27 -4.41 -17.05
CA ALA B 196 5.93 -3.65 -18.25
C ALA B 196 4.62 -2.89 -18.18
N THR B 197 3.65 -3.32 -17.37
CA THR B 197 2.27 -2.87 -17.54
C THR B 197 2.15 -1.36 -17.68
N SER B 198 1.64 -0.94 -18.85
CA SER B 198 1.56 0.49 -19.15
C SER B 198 0.64 1.20 -18.16
N HIS B 199 -0.32 0.46 -17.61
CA HIS B 199 -1.27 1.01 -16.66
C HIS B 199 -0.57 1.55 -15.42
N VAL B 200 0.28 0.72 -14.81
CA VAL B 200 0.98 1.12 -13.59
C VAL B 200 2.03 2.18 -13.88
N LEU B 201 2.64 2.15 -15.07
CA LEU B 201 3.72 3.09 -15.35
C LEU B 201 3.22 4.50 -15.56
N LYS B 202 2.06 4.65 -16.21
CA LYS B 202 1.49 5.98 -16.39
C LYS B 202 1.13 6.60 -15.05
N ASP B 203 0.64 5.79 -14.11
CA ASP B 203 0.30 6.31 -12.79
C ASP B 203 1.54 6.68 -12.00
N ALA B 204 2.62 5.88 -12.13
CA ALA B 204 3.85 6.21 -11.44
C ALA B 204 4.43 7.54 -11.92
N GLN B 205 4.26 7.84 -13.21
CA GLN B 205 4.74 9.12 -13.73
C GLN B 205 3.98 10.30 -13.15
N LYS B 206 2.72 10.09 -12.73
CA LYS B 206 2.00 11.14 -12.03
C LYS B 206 2.46 11.24 -10.58
N ILE B 207 2.59 10.10 -9.92
CA ILE B 207 3.02 10.08 -8.52
C ILE B 207 4.38 10.74 -8.36
N LEU B 208 5.27 10.57 -9.35
CA LEU B 208 6.59 11.18 -9.31
C LEU B 208 6.61 12.58 -9.92
N CYS B 209 5.48 13.06 -10.43
CA CYS B 209 5.33 14.40 -10.99
C CYS B 209 6.32 14.65 -12.13
N VAL B 210 6.43 13.69 -13.05
CA VAL B 210 7.26 13.84 -14.23
C VAL B 210 6.34 14.12 -15.42
N GLU B 211 6.50 15.29 -16.04
CA GLU B 211 5.57 15.69 -17.10
C GLU B 211 5.95 15.04 -18.43
N LYS B 212 7.16 15.31 -18.92
CA LYS B 212 7.63 14.75 -20.18
C LYS B 212 8.55 13.57 -19.85
N CYS B 213 8.01 12.37 -19.96
CA CYS B 213 8.73 11.14 -19.61
C CYS B 213 8.87 10.26 -20.84
N PHE B 214 10.12 9.95 -21.21
CA PHE B 214 10.36 8.93 -22.22
C PHE B 214 10.23 7.56 -21.58
N THR B 215 9.68 6.61 -22.33
CA THR B 215 9.58 5.23 -21.86
C THR B 215 10.18 4.31 -22.91
N PHE B 216 11.20 3.57 -22.49
CA PHE B 216 11.83 2.54 -23.31
C PHE B 216 11.49 1.19 -22.70
N THR B 217 11.11 0.23 -23.53
CA THR B 217 10.75 -1.08 -23.03
C THR B 217 11.55 -2.14 -23.77
N ALA B 218 12.08 -3.09 -23.01
CA ALA B 218 12.80 -4.21 -23.60
C ALA B 218 11.82 -5.31 -23.96
N SER B 219 12.15 -6.03 -25.03
CA SER B 219 11.36 -7.19 -25.38
C SER B 219 11.64 -8.32 -24.39
N PHE B 220 10.65 -9.22 -24.27
CA PHE B 220 10.79 -10.35 -23.35
C PHE B 220 11.70 -11.42 -23.92
N ASN B 221 11.80 -11.53 -25.25
CA ASN B 221 12.37 -12.72 -25.85
C ASN B 221 13.87 -12.79 -25.62
N ARG B 222 14.32 -13.96 -25.17
CA ARG B 222 15.73 -14.31 -24.99
C ARG B 222 16.05 -15.41 -26.00
N PRO B 223 16.48 -15.06 -27.21
CA PRO B 223 16.49 -16.05 -28.30
C PRO B 223 17.44 -17.21 -28.09
N ASN B 224 18.45 -17.06 -27.23
CA ASN B 224 19.44 -18.10 -27.00
C ASN B 224 19.02 -19.11 -25.94
N LEU B 225 17.87 -18.92 -25.30
CA LEU B 225 17.44 -19.78 -24.20
C LEU B 225 16.56 -20.91 -24.72
N TYR B 226 16.91 -22.14 -24.34
CA TYR B 226 16.18 -23.33 -24.70
C TYR B 226 15.34 -23.78 -23.51
N TYR B 227 14.02 -23.77 -23.67
CA TYR B 227 13.09 -24.04 -22.58
C TYR B 227 12.62 -25.48 -22.66
N GLU B 228 12.64 -26.17 -21.53
CA GLU B 228 12.29 -27.59 -21.47
C GLU B 228 11.62 -27.89 -20.13
N VAL B 229 10.65 -28.80 -20.16
CA VAL B 229 9.96 -29.28 -18.97
C VAL B 229 10.15 -30.79 -18.89
N ARG B 230 10.59 -31.26 -17.72
CA ARG B 230 10.82 -32.68 -17.51
C ARG B 230 10.00 -33.16 -16.33
N GLN B 231 9.76 -34.47 -16.28
CA GLN B 231 9.12 -35.06 -15.11
C GLN B 231 10.03 -34.97 -13.89
N LYS B 232 9.42 -34.72 -12.73
CA LYS B 232 10.13 -34.72 -11.47
C LYS B 232 10.05 -36.11 -10.84
N PRO B 233 11.16 -36.81 -10.61
CA PRO B 233 11.07 -38.17 -10.07
C PRO B 233 10.53 -38.17 -8.66
N SER B 234 9.85 -39.27 -8.30
CA SER B 234 9.24 -39.37 -6.99
C SER B 234 10.29 -39.37 -5.88
N ASN B 235 11.42 -40.04 -6.09
CA ASN B 235 12.43 -40.14 -5.04
C ASN B 235 13.37 -38.95 -5.08
N THR B 236 13.62 -38.37 -3.91
CA THR B 236 14.53 -37.22 -3.81
C THR B 236 15.95 -37.60 -4.22
N GLU B 237 16.40 -38.79 -3.83
CA GLU B 237 17.78 -39.17 -4.10
C GLU B 237 17.98 -39.49 -5.58
N ASP B 238 16.98 -40.10 -6.20
CA ASP B 238 17.06 -40.35 -7.64
C ASP B 238 17.02 -39.06 -8.44
N PHE B 239 16.32 -38.04 -7.93
CA PHE B 239 16.27 -36.76 -8.63
C PHE B 239 17.63 -36.08 -8.63
N ILE B 240 18.24 -35.97 -7.45
CA ILE B 240 19.56 -35.34 -7.35
C ILE B 240 20.59 -36.13 -8.17
N GLU B 241 20.39 -37.44 -8.31
CA GLU B 241 21.28 -38.22 -9.18
C GLU B 241 21.03 -37.89 -10.65
N ASP B 242 19.77 -37.71 -11.02
CA ASP B 242 19.47 -37.34 -12.41
C ASP B 242 19.99 -35.94 -12.73
N ILE B 243 20.02 -35.06 -11.73
CA ILE B 243 20.56 -33.73 -11.95
C ILE B 243 22.07 -33.78 -12.17
N VAL B 244 22.79 -34.53 -11.32
CA VAL B 244 24.24 -34.63 -11.47
C VAL B 244 24.61 -35.28 -12.80
N LYS B 245 23.90 -36.35 -13.17
CA LYS B 245 24.06 -36.92 -14.50
C LYS B 245 23.87 -35.85 -15.58
N LEU B 246 22.86 -35.00 -15.41
CA LEU B 246 22.54 -34.01 -16.43
C LEU B 246 23.64 -32.95 -16.52
N ILE B 247 24.16 -32.50 -15.38
CA ILE B 247 25.27 -31.55 -15.39
C ILE B 247 26.51 -32.17 -16.01
N ASN B 248 26.88 -33.36 -15.53
CA ASN B 248 28.07 -33.99 -16.07
C ASN B 248 27.85 -34.44 -17.51
N GLY B 249 26.63 -34.88 -17.86
CA GLY B 249 26.40 -35.19 -19.25
C GLY B 249 26.46 -34.01 -20.20
N ARG B 250 25.64 -32.98 -19.97
CA ARG B 250 25.49 -31.87 -20.91
C ARG B 250 26.35 -30.63 -20.61
N TYR B 251 26.59 -30.33 -19.34
CA TYR B 251 27.17 -29.05 -18.92
C TYR B 251 28.48 -29.25 -18.18
N LYS B 252 29.34 -30.13 -18.69
CA LYS B 252 30.59 -30.48 -18.01
C LYS B 252 31.41 -29.24 -17.72
N GLY B 253 31.63 -28.96 -16.44
CA GLY B 253 32.47 -27.86 -16.04
C GLY B 253 31.89 -26.47 -16.23
N GLN B 254 30.61 -26.36 -16.56
CA GLN B 254 30.01 -25.05 -16.82
C GLN B 254 29.21 -24.56 -15.62
N SER B 255 29.14 -23.24 -15.49
CA SER B 255 28.40 -22.60 -14.42
C SER B 255 26.90 -22.79 -14.62
N GLY B 256 26.18 -22.93 -13.51
CA GLY B 256 24.73 -23.05 -13.59
C GLY B 256 24.06 -22.65 -12.30
N ILE B 257 22.73 -22.54 -12.37
CA ILE B 257 21.89 -22.21 -11.23
C ILE B 257 20.84 -23.30 -11.07
N ILE B 258 20.53 -23.63 -9.81
CA ILE B 258 19.43 -24.52 -9.48
C ILE B 258 18.49 -23.76 -8.55
N TYR B 259 17.23 -23.61 -8.95
CA TYR B 259 16.25 -22.90 -8.14
C TYR B 259 15.43 -23.91 -7.35
N CYS B 260 15.37 -23.70 -6.04
CA CYS B 260 14.63 -24.54 -5.12
C CYS B 260 13.45 -23.77 -4.52
N PHE B 261 12.44 -24.52 -4.11
CA PHE B 261 11.25 -23.92 -3.53
C PHE B 261 11.51 -23.40 -2.12
N SER B 262 12.15 -24.19 -1.26
CA SER B 262 12.19 -23.89 0.16
C SER B 262 13.62 -23.64 0.63
N GLN B 263 13.70 -23.14 1.87
CA GLN B 263 15.00 -22.84 2.45
C GLN B 263 15.83 -24.10 2.65
N LYS B 264 15.20 -25.19 3.10
CA LYS B 264 15.96 -26.41 3.32
C LYS B 264 16.16 -27.21 2.04
N ASP B 265 15.32 -27.01 1.02
CA ASP B 265 15.59 -27.61 -0.28
C ASP B 265 16.93 -27.13 -0.83
N SER B 266 17.17 -25.81 -0.76
CA SER B 266 18.43 -25.25 -1.26
C SER B 266 19.62 -25.83 -0.50
N GLU B 267 19.50 -25.93 0.82
CA GLU B 267 20.59 -26.48 1.62
C GLU B 267 20.77 -27.96 1.37
N GLN B 268 19.67 -28.70 1.21
CA GLN B 268 19.76 -30.14 0.99
C GLN B 268 20.31 -30.46 -0.39
N VAL B 269 19.94 -29.67 -1.40
CA VAL B 269 20.48 -29.85 -2.74
C VAL B 269 22.00 -29.58 -2.75
N THR B 270 22.43 -28.54 -2.04
CA THR B 270 23.82 -28.12 -2.06
C THR B 270 24.75 -29.23 -1.57
N ILE B 271 24.40 -29.86 -0.43
CA ILE B 271 25.27 -30.89 0.12
C ILE B 271 25.22 -32.14 -0.74
N SER B 272 24.07 -32.45 -1.34
CA SER B 272 23.99 -33.62 -2.22
C SER B 272 24.83 -33.43 -3.48
N LEU B 273 24.85 -32.21 -4.01
CA LEU B 273 25.69 -31.91 -5.17
C LEU B 273 27.18 -32.05 -4.83
N GLN B 274 27.59 -31.47 -3.70
CA GLN B 274 28.99 -31.51 -3.28
C GLN B 274 29.48 -32.95 -3.07
N LYS B 275 28.66 -33.79 -2.42
CA LYS B 275 29.04 -35.17 -2.19
C LYS B 275 29.13 -35.94 -3.50
N LEU B 276 28.24 -35.65 -4.44
CA LEU B 276 28.19 -36.32 -5.75
C LEU B 276 29.23 -35.79 -6.72
N GLY B 277 30.12 -34.89 -6.28
CA GLY B 277 31.21 -34.45 -7.12
C GLY B 277 31.01 -33.13 -7.82
N ILE B 278 29.95 -32.41 -7.50
CA ILE B 278 29.66 -31.13 -8.14
C ILE B 278 29.94 -30.04 -7.11
N PRO B 279 30.93 -29.17 -7.35
CA PRO B 279 31.18 -28.05 -6.42
C PRO B 279 30.01 -27.07 -6.46
N ALA B 280 29.33 -26.91 -5.33
CA ALA B 280 28.10 -26.14 -5.28
C ALA B 280 28.08 -25.26 -4.04
N GLY B 281 27.25 -24.22 -4.10
CA GLY B 281 27.07 -23.28 -3.02
C GLY B 281 25.66 -22.70 -2.97
N ALA B 282 25.08 -22.60 -1.78
CA ALA B 282 23.74 -22.05 -1.65
C ALA B 282 23.79 -20.52 -1.62
N TYR B 283 22.70 -19.90 -2.10
CA TYR B 283 22.59 -18.46 -2.12
C TYR B 283 21.20 -18.05 -1.63
N HIS B 284 21.15 -16.99 -0.82
CA HIS B 284 19.91 -16.43 -0.29
C HIS B 284 19.94 -14.92 -0.46
N ALA B 285 18.74 -14.32 -0.45
CA ALA B 285 18.63 -12.87 -0.59
C ALA B 285 19.00 -12.13 0.69
N ASN B 286 18.75 -12.73 1.85
CA ASN B 286 19.04 -12.11 3.13
C ASN B 286 20.50 -12.23 3.55
N MET B 287 21.32 -12.92 2.75
CA MET B 287 22.69 -13.21 3.14
C MET B 287 23.50 -11.94 3.40
N GLU B 288 24.59 -12.11 4.16
CA GLU B 288 25.52 -11.03 4.42
C GLU B 288 26.20 -10.59 3.14
N PRO B 289 26.53 -9.30 3.00
CA PRO B 289 27.27 -8.88 1.80
C PRO B 289 28.63 -9.56 1.69
N GLU B 290 29.22 -9.96 2.81
CA GLU B 290 30.46 -10.72 2.77
C GLU B 290 30.23 -12.17 2.37
N ASP B 291 29.06 -12.73 2.66
CA ASP B 291 28.74 -14.06 2.17
C ASP B 291 28.42 -14.02 0.68
N LYS B 292 27.66 -13.01 0.25
CA LYS B 292 27.40 -12.85 -1.17
C LYS B 292 28.69 -12.65 -1.95
N THR B 293 29.61 -11.84 -1.41
CA THR B 293 30.91 -11.67 -2.04
C THR B 293 31.65 -13.00 -2.20
N LYS B 294 31.61 -13.85 -1.18
CA LYS B 294 32.27 -15.15 -1.26
C LYS B 294 31.68 -16.00 -2.38
N VAL B 295 30.35 -16.00 -2.51
CA VAL B 295 29.70 -16.85 -3.50
C VAL B 295 30.09 -16.42 -4.91
N HIS B 296 29.98 -15.12 -5.18
CA HIS B 296 30.30 -14.60 -6.49
C HIS B 296 31.76 -14.82 -6.85
N ARG B 297 32.66 -14.70 -5.88
CA ARG B 297 34.09 -14.86 -6.16
C ARG B 297 34.43 -16.31 -6.45
N ARG B 298 33.91 -17.23 -5.64
CA ARG B 298 34.12 -18.66 -5.88
C ARG B 298 33.47 -19.11 -7.18
N TRP B 299 32.34 -18.50 -7.53
CA TRP B 299 31.64 -18.81 -8.77
C TRP B 299 32.46 -18.39 -9.98
N ALA B 300 33.02 -17.18 -9.93
CA ALA B 300 33.84 -16.67 -11.03
C ALA B 300 35.10 -17.51 -11.20
N ALA B 301 35.73 -17.89 -10.10
CA ALA B 301 36.92 -18.71 -10.14
C ALA B 301 36.59 -20.20 -10.25
N ASN B 302 35.30 -20.53 -10.39
CA ASN B 302 34.83 -21.90 -10.55
C ASN B 302 35.27 -22.81 -9.40
N GLU B 303 35.48 -22.20 -8.22
CA GLU B 303 35.60 -22.99 -7.00
C GLU B 303 34.28 -23.69 -6.72
N ILE B 304 33.17 -22.99 -6.96
CA ILE B 304 31.85 -23.59 -6.91
C ILE B 304 31.27 -23.47 -8.32
N GLN B 305 30.71 -24.58 -8.81
CA GLN B 305 30.20 -24.63 -10.17
C GLN B 305 28.73 -24.23 -10.25
N VAL B 306 27.91 -24.78 -9.36
CA VAL B 306 26.46 -24.58 -9.36
C VAL B 306 26.09 -23.77 -8.13
N VAL B 307 25.25 -22.75 -8.32
CA VAL B 307 24.72 -21.95 -7.23
C VAL B 307 23.26 -22.35 -7.02
N VAL B 308 22.98 -22.93 -5.86
CA VAL B 308 21.64 -23.37 -5.49
C VAL B 308 20.92 -22.22 -4.82
N ALA B 309 19.99 -21.60 -5.53
CA ALA B 309 19.24 -20.47 -5.01
C ALA B 309 17.81 -20.86 -4.68
N THR B 310 17.21 -20.08 -3.79
CA THR B 310 15.80 -20.24 -3.42
C THR B 310 15.01 -19.04 -3.94
N VAL B 311 13.82 -19.30 -4.46
CA VAL B 311 13.06 -18.25 -5.12
C VAL B 311 12.67 -17.18 -4.11
N ALA B 312 13.20 -15.97 -4.30
CA ALA B 312 12.88 -14.86 -3.40
C ALA B 312 13.22 -13.55 -4.08
N PHE B 313 12.66 -12.47 -3.54
CA PHE B 313 12.92 -11.11 -3.99
C PHE B 313 14.23 -10.58 -3.42
N GLY B 314 15.21 -10.31 -4.27
CA GLY B 314 16.49 -9.84 -3.79
C GLY B 314 17.70 -10.65 -4.20
N MET B 315 17.54 -11.47 -5.24
CA MET B 315 18.63 -12.33 -5.68
C MET B 315 19.55 -11.56 -6.62
N GLY B 316 20.80 -11.39 -6.20
CA GLY B 316 21.78 -10.70 -7.02
C GLY B 316 22.76 -11.64 -7.71
N ILE B 317 22.36 -12.88 -7.97
CA ILE B 317 23.25 -13.80 -8.68
C ILE B 317 23.20 -13.41 -10.15
N ASP B 318 24.23 -12.73 -10.62
CA ASP B 318 24.36 -12.34 -12.03
C ASP B 318 25.72 -12.75 -12.57
N LYS B 319 25.76 -13.85 -13.31
CA LYS B 319 26.96 -14.26 -14.01
C LYS B 319 26.67 -14.33 -15.50
N PRO B 320 27.51 -13.74 -16.35
CA PRO B 320 27.21 -13.70 -17.78
C PRO B 320 27.18 -15.06 -18.46
N ASP B 321 27.92 -16.05 -17.94
CA ASP B 321 28.13 -17.32 -18.63
C ASP B 321 27.42 -18.48 -17.93
N VAL B 322 26.22 -18.21 -17.41
CA VAL B 322 25.40 -19.24 -16.79
C VAL B 322 24.83 -20.12 -17.90
N ARG B 323 25.33 -21.36 -18.00
CA ARG B 323 24.97 -22.23 -19.12
C ARG B 323 23.67 -22.99 -18.90
N PHE B 324 23.20 -23.13 -17.67
CA PHE B 324 21.95 -23.83 -17.44
C PHE B 324 21.28 -23.33 -16.17
N VAL B 325 19.95 -23.25 -16.21
CA VAL B 325 19.13 -22.98 -15.04
C VAL B 325 18.15 -24.14 -14.90
N ILE B 326 18.25 -24.88 -13.81
CA ILE B 326 17.39 -26.01 -13.52
C ILE B 326 16.47 -25.61 -12.37
N HIS B 327 15.17 -25.78 -12.57
CA HIS B 327 14.20 -25.50 -11.52
C HIS B 327 13.89 -26.83 -10.81
N HIS B 328 14.44 -26.97 -9.60
CA HIS B 328 14.20 -28.15 -8.79
C HIS B 328 12.72 -28.33 -8.52
N SER B 329 12.01 -27.22 -8.34
CA SER B 329 10.56 -27.19 -8.27
C SER B 329 10.09 -26.03 -9.14
N MET B 330 8.88 -26.15 -9.66
CA MET B 330 8.35 -25.07 -10.49
C MET B 330 8.26 -23.78 -9.69
N SER B 331 8.30 -22.65 -10.41
CA SER B 331 8.15 -21.36 -9.78
C SER B 331 6.70 -21.16 -9.33
N LYS B 332 6.48 -20.15 -8.49
CA LYS B 332 5.14 -19.87 -8.03
C LYS B 332 4.29 -19.19 -9.11
N SER B 333 4.92 -18.62 -10.14
CA SER B 333 4.16 -17.94 -11.19
C SER B 333 4.99 -17.91 -12.46
N MET B 334 4.30 -17.60 -13.58
CA MET B 334 4.99 -17.43 -14.85
C MET B 334 5.94 -16.23 -14.83
N GLU B 335 5.55 -15.17 -14.12
CA GLU B 335 6.43 -14.01 -14.00
C GLU B 335 7.73 -14.37 -13.29
N ASN B 336 7.63 -15.12 -12.19
CA ASN B 336 8.83 -15.56 -11.50
C ASN B 336 9.66 -16.51 -12.35
N TYR B 337 9.02 -17.48 -13.01
CA TYR B 337 9.77 -18.43 -13.81
C TYR B 337 10.54 -17.73 -14.93
N TYR B 338 9.93 -16.72 -15.57
CA TYR B 338 10.62 -16.01 -16.63
C TYR B 338 11.88 -15.35 -16.11
N GLN B 339 11.76 -14.58 -15.02
CA GLN B 339 12.91 -13.86 -14.50
C GLN B 339 13.97 -14.81 -13.95
N GLU B 340 13.55 -15.88 -13.27
CA GLU B 340 14.52 -16.82 -12.71
C GLU B 340 15.26 -17.57 -13.81
N SER B 341 14.54 -18.08 -14.80
CA SER B 341 15.21 -18.75 -15.92
C SER B 341 15.97 -17.75 -16.79
N GLY B 342 15.53 -16.50 -16.82
CA GLY B 342 16.19 -15.49 -17.63
C GLY B 342 17.59 -15.12 -17.19
N ARG B 343 18.06 -15.65 -16.07
CA ARG B 343 19.42 -15.41 -15.63
C ARG B 343 20.45 -16.27 -16.37
N ALA B 344 19.99 -17.21 -17.19
CA ALA B 344 20.86 -18.03 -18.00
C ALA B 344 21.20 -17.31 -19.30
N GLY B 345 22.31 -17.74 -19.91
CA GLY B 345 22.75 -17.23 -21.21
C GLY B 345 22.80 -15.73 -21.38
N ARG B 346 23.34 -15.02 -20.39
CA ARG B 346 23.52 -13.58 -20.53
C ARG B 346 24.68 -13.22 -21.45
N ASP B 347 25.46 -14.20 -21.90
CA ASP B 347 26.53 -14.00 -22.88
C ASP B 347 26.07 -14.23 -24.32
N ASP B 348 24.75 -14.28 -24.56
CA ASP B 348 24.15 -14.48 -25.88
C ASP B 348 24.45 -15.85 -26.49
N MET B 349 25.07 -16.74 -25.76
CA MET B 349 25.26 -18.11 -26.22
C MET B 349 24.12 -18.99 -25.72
N LYS B 350 23.99 -20.16 -26.36
CA LYS B 350 22.92 -21.08 -26.01
C LYS B 350 22.99 -21.50 -24.55
N ALA B 351 21.86 -21.36 -23.86
CA ALA B 351 21.72 -21.81 -22.47
C ALA B 351 20.37 -22.51 -22.31
N ASP B 352 20.34 -23.51 -21.44
CA ASP B 352 19.17 -24.35 -21.26
C ASP B 352 18.44 -24.00 -19.97
N CYS B 353 17.11 -24.02 -20.03
CA CYS B 353 16.25 -23.78 -18.88
C CYS B 353 15.34 -24.99 -18.70
N ILE B 354 15.69 -25.86 -17.75
CA ILE B 354 14.97 -27.10 -17.51
C ILE B 354 14.14 -26.93 -16.24
N LEU B 355 12.84 -27.14 -16.37
CA LEU B 355 11.91 -27.08 -15.25
C LEU B 355 11.45 -28.50 -14.95
N TYR B 356 11.62 -28.92 -13.70
CA TYR B 356 11.17 -30.23 -13.27
C TYR B 356 9.77 -30.10 -12.69
N TYR B 357 8.81 -30.76 -13.34
CA TYR B 357 7.40 -30.66 -12.98
C TYR B 357 7.03 -31.81 -12.06
N GLY B 358 6.59 -31.48 -10.85
CA GLY B 358 6.16 -32.49 -9.91
C GLY B 358 4.74 -32.25 -9.44
N PHE B 359 3.92 -33.30 -9.54
CA PHE B 359 2.51 -33.20 -9.15
C PHE B 359 2.36 -32.68 -7.72
N GLY B 360 3.12 -33.25 -6.79
CA GLY B 360 3.02 -32.79 -5.41
C GLY B 360 3.43 -31.35 -5.20
N ASP B 361 4.31 -30.83 -6.06
CA ASP B 361 4.72 -29.43 -5.92
C ASP B 361 3.58 -28.45 -6.16
N ILE B 362 2.54 -28.86 -6.89
CA ILE B 362 1.39 -27.98 -7.09
C ILE B 362 0.82 -27.53 -5.75
N PHE B 363 0.69 -28.47 -4.82
CA PHE B 363 0.05 -28.21 -3.54
C PHE B 363 1.01 -27.65 -2.51
N ARG B 364 2.29 -28.01 -2.58
CA ARG B 364 3.28 -27.38 -1.74
C ARG B 364 3.34 -25.87 -1.98
N ILE B 365 3.25 -25.47 -3.25
CA ILE B 365 3.28 -24.04 -3.56
C ILE B 365 1.92 -23.40 -3.31
N SER B 366 0.84 -24.07 -3.71
CA SER B 366 -0.51 -23.54 -3.50
C SER B 366 -0.76 -23.21 -2.04
N SER B 367 -0.34 -24.10 -1.12
CA SER B 367 -0.55 -23.84 0.30
C SER B 367 0.32 -22.69 0.80
N MET B 368 1.53 -22.53 0.24
CA MET B 368 2.42 -21.45 0.66
C MET B 368 1.96 -20.09 0.18
N VAL B 369 1.13 -20.03 -0.86
CA VAL B 369 0.70 -18.75 -1.43
C VAL B 369 -0.75 -18.46 -1.08
N VAL B 370 -1.25 -19.06 0.01
CA VAL B 370 -2.63 -18.85 0.43
C VAL B 370 -2.91 -17.38 0.71
N MET B 371 -1.89 -16.63 1.16
CA MET B 371 -2.13 -15.25 1.56
C MET B 371 -2.12 -14.27 0.38
N GLU B 372 -1.54 -14.66 -0.76
CA GLU B 372 -1.60 -13.83 -1.96
C GLU B 372 -2.97 -13.96 -2.61
N ASN B 373 -3.67 -12.83 -2.75
CA ASN B 373 -5.03 -12.83 -3.30
C ASN B 373 -5.12 -13.60 -4.62
N VAL B 374 -4.09 -13.49 -5.46
CA VAL B 374 -4.06 -14.19 -6.73
C VAL B 374 -2.94 -15.23 -6.78
N GLY B 375 -2.49 -15.71 -5.62
CA GLY B 375 -1.44 -16.71 -5.60
C GLY B 375 -1.84 -17.98 -6.33
N GLN B 376 -3.09 -18.42 -6.16
CA GLN B 376 -3.53 -19.66 -6.78
C GLN B 376 -3.62 -19.53 -8.30
N GLN B 377 -4.27 -18.46 -8.76
CA GLN B 377 -4.37 -18.23 -10.21
C GLN B 377 -2.99 -18.11 -10.85
N LYS B 378 -2.07 -17.42 -10.18
CA LYS B 378 -0.72 -17.27 -10.73
C LYS B 378 0.00 -18.61 -10.79
N LEU B 379 -0.27 -19.51 -9.85
CA LEU B 379 0.36 -20.82 -9.87
C LEU B 379 -0.23 -21.73 -10.93
N TYR B 380 -1.56 -21.70 -11.10
CA TYR B 380 -2.20 -22.56 -12.09
C TYR B 380 -1.75 -22.24 -13.50
N GLU B 381 -1.36 -20.99 -13.76
CA GLU B 381 -0.75 -20.66 -15.04
C GLU B 381 0.59 -21.38 -15.22
N MET B 382 1.38 -21.44 -14.14
CA MET B 382 2.64 -22.18 -14.19
C MET B 382 2.37 -23.67 -14.36
N VAL B 383 1.39 -24.21 -13.63
CA VAL B 383 1.04 -25.62 -13.80
C VAL B 383 0.54 -25.88 -15.21
N SER B 384 -0.25 -24.95 -15.76
CA SER B 384 -0.70 -25.09 -17.14
C SER B 384 0.48 -25.13 -18.11
N TYR B 385 1.52 -24.33 -17.83
CA TYR B 385 2.71 -24.36 -18.67
C TYR B 385 3.41 -25.71 -18.58
N CYS B 386 3.53 -26.26 -17.37
CA CYS B 386 4.13 -27.57 -17.19
C CYS B 386 3.32 -28.65 -17.89
N GLN B 387 1.99 -28.52 -17.90
CA GLN B 387 1.14 -29.54 -18.52
C GLN B 387 1.15 -29.51 -20.03
N ASN B 388 1.49 -28.37 -20.64
CA ASN B 388 1.37 -28.24 -22.09
C ASN B 388 2.37 -29.12 -22.82
N ILE B 389 1.92 -29.75 -23.89
CA ILE B 389 2.79 -30.60 -24.69
C ILE B 389 2.72 -30.25 -26.17
N ASN B 390 1.74 -29.41 -26.55
CA ASN B 390 1.43 -29.16 -27.95
C ASN B 390 1.71 -27.73 -28.40
N LYS B 391 2.28 -26.90 -27.54
CA LYS B 391 2.51 -25.51 -27.88
C LYS B 391 3.98 -25.16 -27.64
N CYS B 392 4.47 -24.23 -28.45
CA CYS B 392 5.82 -23.70 -28.26
C CYS B 392 5.91 -22.99 -26.91
N ARG B 393 7.01 -23.23 -26.20
CA ARG B 393 7.17 -22.63 -24.88
C ARG B 393 7.16 -21.11 -24.96
N ARG B 394 7.68 -20.54 -26.05
CA ARG B 394 7.67 -19.09 -26.20
C ARG B 394 6.25 -18.58 -26.42
N VAL B 395 5.38 -19.40 -27.03
CA VAL B 395 3.98 -19.03 -27.16
C VAL B 395 3.33 -18.94 -25.77
N LEU B 396 3.63 -19.89 -24.90
CA LEU B 396 3.09 -19.86 -23.54
C LEU B 396 3.65 -18.69 -22.75
N ILE B 397 4.97 -18.45 -22.86
CA ILE B 397 5.57 -17.32 -22.17
C ILE B 397 5.03 -16.00 -22.70
N ALA B 398 5.01 -15.84 -24.03
CA ALA B 398 4.47 -14.61 -24.62
C ALA B 398 3.01 -14.41 -24.22
N GLN B 399 2.24 -15.50 -24.13
CA GLN B 399 0.87 -15.41 -23.65
C GLN B 399 0.80 -14.74 -22.27
N HIS B 400 1.80 -14.97 -21.43
CA HIS B 400 1.82 -14.36 -20.12
C HIS B 400 1.95 -12.84 -20.20
N PHE B 401 2.76 -12.33 -21.14
CA PHE B 401 2.87 -10.89 -21.29
C PHE B 401 1.83 -10.29 -22.22
N ASP B 402 0.88 -11.09 -22.71
CA ASP B 402 -0.13 -10.74 -23.72
C ASP B 402 0.45 -10.66 -25.12
N GLU B 403 1.75 -10.83 -25.29
CA GLU B 403 2.33 -11.07 -26.60
C GLU B 403 1.74 -12.33 -27.23
N VAL B 404 1.66 -12.32 -28.56
CA VAL B 404 1.47 -13.53 -29.33
C VAL B 404 2.83 -13.97 -29.85
N TRP B 405 2.91 -15.23 -30.26
CA TRP B 405 4.17 -15.79 -30.74
C TRP B 405 3.87 -16.91 -31.73
N SER B 406 4.93 -17.48 -32.30
CA SER B 406 4.77 -18.56 -33.26
C SER B 406 5.96 -19.49 -33.18
N PRO B 407 5.81 -20.76 -33.57
CA PRO B 407 6.96 -21.67 -33.57
C PRO B 407 8.06 -21.25 -34.53
N GLU B 408 7.71 -20.56 -35.63
CA GLU B 408 8.71 -20.06 -36.55
C GLU B 408 9.64 -19.05 -35.88
N ALA B 409 9.11 -18.32 -34.90
CA ALA B 409 9.91 -17.32 -34.19
C ALA B 409 10.80 -17.98 -33.15
N CYS B 410 10.39 -19.15 -32.64
CA CYS B 410 11.21 -19.89 -31.70
C CYS B 410 12.36 -20.56 -32.44
N ASN B 411 12.09 -21.11 -33.62
CA ASN B 411 13.11 -21.73 -34.47
C ASN B 411 13.88 -22.84 -33.73
N LYS B 412 13.13 -23.86 -33.31
CA LYS B 412 13.70 -25.04 -32.67
C LYS B 412 14.56 -24.70 -31.46
N MET B 413 13.97 -23.93 -30.55
CA MET B 413 14.66 -23.50 -29.34
C MET B 413 13.78 -23.72 -28.11
N CYS B 414 13.01 -24.80 -28.12
CA CYS B 414 12.28 -25.27 -26.96
C CYS B 414 11.91 -26.74 -27.21
N ASP B 415 11.64 -27.46 -26.12
CA ASP B 415 11.43 -28.90 -26.25
C ASP B 415 10.23 -29.22 -27.14
N ASN B 416 9.11 -28.51 -26.94
CA ASN B 416 7.95 -28.79 -27.77
C ASN B 416 8.18 -28.45 -29.24
N CYS B 417 9.06 -27.50 -29.54
CA CYS B 417 9.41 -27.24 -30.94
C CYS B 417 10.39 -28.25 -31.51
N CYS B 418 11.28 -28.79 -30.67
CA CYS B 418 12.36 -29.64 -31.16
C CYS B 418 11.97 -31.11 -31.16
N LYS B 419 11.46 -31.60 -30.04
CA LYS B 419 10.94 -32.96 -29.96
C LYS B 419 9.48 -32.89 -30.41
N GLU B 420 9.18 -33.46 -31.57
CA GLU B 420 7.80 -33.44 -32.04
C GLU B 420 7.20 -34.78 -31.69
N ILE B 421 6.25 -34.76 -30.79
CA ILE B 421 5.56 -35.93 -30.30
C ILE B 421 4.15 -35.91 -30.88
N SER B 422 3.55 -37.09 -31.08
CA SER B 422 2.18 -37.16 -31.57
C SER B 422 1.21 -37.28 -30.42
N PHE B 423 0.04 -36.66 -30.60
CA PHE B 423 -0.95 -36.52 -29.55
C PHE B 423 -2.36 -36.68 -30.12
N GLU B 424 -3.29 -36.75 -29.18
CA GLU B 424 -4.70 -36.94 -29.46
C GLU B 424 -5.52 -36.34 -28.34
N ARG B 425 -6.69 -35.82 -28.71
CA ARG B 425 -7.66 -35.39 -27.72
C ARG B 425 -8.36 -36.62 -27.16
N LYS B 426 -8.29 -36.78 -25.85
CA LYS B 426 -8.96 -37.87 -25.15
C LYS B 426 -10.20 -37.35 -24.47
N ASN B 427 -11.27 -38.15 -24.50
CA ASN B 427 -12.47 -37.82 -23.77
C ASN B 427 -12.26 -38.32 -22.34
N VAL B 428 -12.14 -37.38 -21.42
CA VAL B 428 -11.89 -37.67 -20.01
C VAL B 428 -13.08 -37.25 -19.16
N THR B 429 -14.21 -36.95 -19.81
CA THR B 429 -15.41 -36.58 -19.08
C THR B 429 -15.83 -37.71 -18.15
N ALA B 430 -15.83 -38.95 -18.65
CA ALA B 430 -16.13 -40.10 -17.81
C ALA B 430 -15.17 -40.22 -16.64
N TYR B 431 -13.91 -39.81 -16.84
CA TYR B 431 -12.96 -39.77 -15.74
C TYR B 431 -13.34 -38.69 -14.74
N CYS B 432 -13.84 -37.56 -15.23
CA CYS B 432 -14.24 -36.48 -14.33
C CYS B 432 -15.47 -36.85 -13.51
N ARG B 433 -16.52 -37.37 -14.18
CA ARG B 433 -17.70 -37.82 -13.47
C ARG B 433 -17.32 -38.86 -12.43
N ASP B 434 -16.33 -39.70 -12.76
CA ASP B 434 -15.84 -40.72 -11.83
C ASP B 434 -15.14 -40.08 -10.64
N LEU B 435 -14.23 -39.14 -10.89
CA LEU B 435 -13.52 -38.48 -9.81
C LEU B 435 -14.48 -37.74 -8.86
N ILE B 436 -15.55 -37.18 -9.41
CA ILE B 436 -16.52 -36.47 -8.58
C ILE B 436 -17.22 -37.47 -7.68
N LYS B 437 -17.42 -38.71 -8.14
CA LYS B 437 -18.09 -39.71 -7.29
C LYS B 437 -17.32 -39.98 -6.01
N ILE B 438 -16.00 -40.16 -6.10
CA ILE B 438 -15.18 -40.36 -4.90
C ILE B 438 -15.32 -39.16 -3.97
N LEU B 439 -15.32 -37.95 -4.54
CA LEU B 439 -15.38 -36.74 -3.73
C LEU B 439 -16.75 -36.57 -3.09
N LYS B 440 -17.82 -36.96 -3.79
CA LYS B 440 -19.14 -36.91 -3.19
C LYS B 440 -19.27 -37.91 -2.05
N GLN B 441 -18.71 -39.11 -2.23
CA GLN B 441 -18.70 -40.10 -1.16
C GLN B 441 -17.87 -39.64 0.04
N ALA B 442 -16.79 -38.88 -0.20
CA ALA B 442 -16.00 -38.34 0.91
C ALA B 442 -16.80 -37.32 1.70
N GLU B 443 -17.69 -36.59 1.05
CA GLU B 443 -18.59 -35.69 1.75
C GLU B 443 -19.52 -36.47 2.66
N ASP B 444 -20.03 -37.61 2.17
CA ASP B 444 -20.93 -38.43 2.96
C ASP B 444 -20.24 -39.00 4.20
N LEU B 445 -18.96 -39.33 4.11
CA LEU B 445 -18.28 -39.88 5.28
C LEU B 445 -17.67 -38.78 6.16
N ASN B 446 -17.80 -37.53 5.75
CA ASN B 446 -17.49 -36.28 6.45
C ASN B 446 -16.01 -35.94 6.57
N GLU B 447 -15.10 -36.80 6.10
CA GLU B 447 -13.68 -36.48 6.02
C GLU B 447 -13.30 -36.16 4.58
N LYS B 448 -12.34 -35.27 4.40
CA LYS B 448 -11.91 -34.84 3.08
C LYS B 448 -10.55 -35.44 2.76
N LEU B 449 -10.07 -35.17 1.54
CA LEU B 449 -8.94 -35.89 0.96
C LEU B 449 -7.77 -34.96 0.65
N THR B 450 -6.56 -35.40 0.98
CA THR B 450 -5.35 -34.80 0.43
C THR B 450 -5.24 -35.20 -1.05
N PRO B 451 -4.30 -34.61 -1.80
CA PRO B 451 -4.05 -35.10 -3.17
C PRO B 451 -3.63 -36.56 -3.27
N LEU B 452 -2.84 -37.05 -2.32
CA LEU B 452 -2.46 -38.46 -2.32
C LEU B 452 -3.69 -39.34 -2.31
N LYS B 453 -4.60 -39.08 -1.38
CA LYS B 453 -5.89 -39.74 -1.39
C LYS B 453 -6.66 -39.27 -2.63
N LEU B 454 -7.53 -40.15 -3.12
CA LEU B 454 -8.36 -40.03 -4.33
C LEU B 454 -7.62 -40.21 -5.65
N ILE B 455 -6.31 -40.37 -5.67
CA ILE B 455 -5.73 -41.32 -6.61
C ILE B 455 -5.89 -42.74 -6.09
N ASP B 456 -5.66 -42.91 -4.78
CA ASP B 456 -5.69 -44.22 -4.16
C ASP B 456 -7.08 -44.86 -4.28
N SER B 457 -8.12 -44.07 -4.03
CA SER B 457 -9.46 -44.59 -4.25
C SER B 457 -9.70 -44.82 -5.73
N TRP B 458 -9.22 -43.91 -6.59
CA TRP B 458 -9.32 -44.12 -8.03
C TRP B 458 -8.71 -45.45 -8.45
N MET B 459 -7.60 -45.84 -7.81
CA MET B 459 -6.94 -47.11 -8.13
C MET B 459 -7.39 -48.28 -7.27
N GLY B 460 -8.20 -48.05 -6.24
CA GLY B 460 -8.59 -49.11 -5.32
C GLY B 460 -7.63 -49.28 -4.17
N LYS B 461 -7.30 -48.18 -3.49
CA LYS B 461 -6.36 -48.19 -2.37
C LYS B 461 -6.91 -47.26 -1.30
N GLY B 462 -6.15 -47.06 -0.23
CA GLY B 462 -6.55 -46.13 0.81
C GLY B 462 -7.73 -46.47 1.70
N ALA B 463 -7.60 -47.53 2.50
CA ALA B 463 -8.58 -47.90 3.52
C ALA B 463 -9.99 -48.08 2.96
N SER B 464 -10.09 -48.52 1.70
CA SER B 464 -11.37 -48.82 1.06
C SER B 464 -12.34 -47.65 1.15
N LYS B 465 -11.92 -46.52 0.57
CA LYS B 465 -12.74 -45.32 0.65
C LYS B 465 -13.96 -45.43 -0.25
N LEU B 466 -13.76 -45.62 -1.55
CA LEU B 466 -14.86 -45.95 -2.45
C LEU B 466 -14.52 -47.23 -3.20
N ARG B 467 -15.43 -48.20 -3.14
CA ARG B 467 -15.34 -49.41 -3.96
C ARG B 467 -16.70 -49.75 -4.58
N VAL B 468 -17.44 -48.76 -5.09
CA VAL B 468 -18.71 -49.08 -5.73
C VAL B 468 -18.70 -48.62 -7.17
N ALA B 469 -19.79 -48.91 -7.89
CA ALA B 469 -20.00 -48.55 -9.30
C ALA B 469 -18.75 -48.72 -10.15
N GLY B 470 -18.15 -49.90 -10.04
CA GLY B 470 -17.07 -50.37 -10.89
C GLY B 470 -15.97 -49.36 -11.19
N LEU B 471 -15.32 -48.83 -10.15
CA LEU B 471 -14.24 -47.86 -10.31
C LEU B 471 -12.88 -48.57 -10.35
N ALA B 472 -12.72 -49.45 -11.32
CA ALA B 472 -11.40 -50.06 -11.42
C ALA B 472 -10.39 -49.03 -11.92
N PRO B 473 -9.10 -49.19 -11.61
CA PRO B 473 -8.11 -48.25 -12.10
C PRO B 473 -8.15 -48.20 -13.61
N PRO B 474 -7.91 -47.02 -14.19
CA PRO B 474 -8.19 -46.84 -15.62
C PRO B 474 -7.18 -47.54 -16.52
N THR B 475 -6.28 -48.29 -15.93
CA THR B 475 -5.17 -48.93 -16.64
C THR B 475 -4.31 -47.86 -17.30
N LEU B 476 -3.95 -46.86 -16.49
CA LEU B 476 -3.09 -45.75 -16.85
C LEU B 476 -2.09 -45.56 -15.71
N PRO B 477 -0.85 -45.21 -16.02
CA PRO B 477 0.14 -45.01 -14.97
C PRO B 477 -0.22 -43.87 -14.03
N ARG B 478 0.43 -43.87 -12.87
CA ARG B 478 0.21 -42.84 -11.86
C ARG B 478 0.45 -41.45 -12.43
N GLU B 479 1.56 -41.29 -13.15
CA GLU B 479 1.91 -39.99 -13.72
C GLU B 479 0.83 -39.49 -14.67
N ASP B 480 0.12 -40.40 -15.34
CA ASP B 480 -1.00 -39.99 -16.17
C ASP B 480 -2.22 -39.60 -15.34
N LEU B 481 -2.51 -40.36 -14.27
CA LEU B 481 -3.59 -39.99 -13.37
C LEU B 481 -3.30 -38.68 -12.65
N GLU B 482 -2.03 -38.39 -12.39
CA GLU B 482 -1.64 -37.11 -11.80
C GLU B 482 -1.95 -35.95 -12.75
N LYS B 483 -1.57 -36.10 -14.02
CA LYS B 483 -1.82 -35.07 -15.02
C LYS B 483 -3.31 -34.84 -15.23
N ILE B 484 -4.12 -35.90 -15.14
CA ILE B 484 -5.56 -35.77 -15.37
C ILE B 484 -6.18 -34.88 -14.29
N ILE B 485 -5.84 -35.14 -13.03
CA ILE B 485 -6.39 -34.35 -11.93
C ILE B 485 -5.88 -32.91 -12.03
N ALA B 486 -4.61 -32.73 -12.36
CA ALA B 486 -4.08 -31.37 -12.51
C ALA B 486 -4.80 -30.61 -13.60
N HIS B 487 -5.15 -31.28 -14.70
CA HIS B 487 -5.97 -30.65 -15.73
C HIS B 487 -7.34 -30.30 -15.18
N PHE B 488 -7.94 -31.21 -14.41
CA PHE B 488 -9.22 -30.93 -13.77
C PHE B 488 -9.09 -29.90 -12.65
N LEU B 489 -7.89 -29.65 -12.13
CA LEU B 489 -7.74 -28.55 -11.18
C LEU B 489 -7.66 -27.21 -11.90
N ILE B 490 -6.90 -27.13 -12.99
CA ILE B 490 -6.78 -25.88 -13.76
C ILE B 490 -8.15 -25.49 -14.32
N GLN B 491 -8.76 -26.40 -15.06
CA GLN B 491 -10.14 -26.26 -15.49
C GLN B 491 -10.96 -26.65 -14.28
N GLN B 492 -11.72 -25.71 -13.71
CA GLN B 492 -12.19 -25.88 -12.33
C GLN B 492 -13.41 -26.79 -12.23
N TYR B 493 -13.24 -28.01 -12.74
CA TYR B 493 -14.15 -29.09 -12.35
C TYR B 493 -13.81 -29.64 -10.96
N LEU B 494 -12.56 -29.51 -10.54
CA LEU B 494 -12.09 -29.73 -9.17
C LEU B 494 -11.53 -28.42 -8.62
N LYS B 495 -11.46 -28.33 -7.30
CA LYS B 495 -10.91 -27.14 -6.66
C LYS B 495 -10.20 -27.53 -5.37
N GLU B 496 -9.29 -26.67 -4.96
CA GLU B 496 -8.46 -26.86 -3.78
C GLU B 496 -9.15 -26.34 -2.53
N ASP B 497 -8.89 -27.03 -1.42
CA ASP B 497 -9.35 -26.63 -0.10
C ASP B 497 -8.15 -26.61 0.84
N TYR B 498 -7.91 -25.47 1.46
CA TYR B 498 -6.76 -25.31 2.33
C TYR B 498 -7.19 -25.49 3.78
N SER B 499 -6.33 -26.12 4.57
CA SER B 499 -6.56 -26.34 5.99
C SER B 499 -5.34 -25.82 6.75
N PHE B 500 -5.59 -24.95 7.71
CA PHE B 500 -4.52 -24.35 8.50
C PHE B 500 -4.26 -25.22 9.73
N THR B 501 -3.12 -25.90 9.73
CA THR B 501 -2.67 -26.69 10.87
C THR B 501 -1.61 -25.91 11.64
N ALA B 502 -1.32 -26.40 12.84
CA ALA B 502 -0.45 -25.69 13.78
C ALA B 502 0.82 -25.14 13.12
N TYR B 503 1.42 -25.89 12.19
CA TYR B 503 2.73 -25.53 11.66
C TYR B 503 2.78 -25.26 10.16
N ALA B 504 1.71 -25.54 9.41
CA ALA B 504 1.77 -25.33 7.97
C ALA B 504 0.36 -25.40 7.40
N THR B 505 0.20 -24.87 6.19
CA THR B 505 -1.04 -24.98 5.45
C THR B 505 -1.03 -26.24 4.59
N ILE B 506 -2.17 -26.92 4.55
CA ILE B 506 -2.33 -28.21 3.88
C ILE B 506 -3.45 -28.08 2.86
N SER B 507 -3.30 -28.76 1.73
CA SER B 507 -4.26 -28.68 0.63
C SER B 507 -5.12 -29.94 0.59
N TYR B 508 -6.42 -29.74 0.43
CA TYR B 508 -7.36 -30.82 0.15
C TYR B 508 -8.06 -30.52 -1.17
N LEU B 509 -8.65 -31.55 -1.76
CA LEU B 509 -9.43 -31.42 -2.98
C LEU B 509 -10.92 -31.51 -2.69
N LYS B 510 -11.71 -30.84 -3.52
CA LYS B 510 -13.16 -30.91 -3.47
C LYS B 510 -13.72 -30.68 -4.86
N VAL B 511 -15.02 -30.95 -5.00
CA VAL B 511 -15.71 -30.76 -6.26
C VAL B 511 -15.69 -29.29 -6.64
N GLY B 512 -15.12 -28.99 -7.80
CA GLY B 512 -14.97 -27.61 -8.23
C GLY B 512 -16.28 -27.04 -8.74
N PRO B 513 -16.28 -25.73 -8.96
CA PRO B 513 -17.54 -25.05 -9.33
C PRO B 513 -18.04 -25.36 -10.72
N LYS B 514 -17.19 -25.83 -11.63
CA LYS B 514 -17.62 -26.10 -13.00
C LYS B 514 -18.23 -27.50 -13.18
N ALA B 515 -18.41 -28.26 -12.11
CA ALA B 515 -19.00 -29.59 -12.22
C ALA B 515 -20.46 -29.57 -12.65
N ASN B 516 -21.11 -28.39 -12.60
CA ASN B 516 -22.50 -28.28 -13.02
C ASN B 516 -22.69 -28.62 -14.50
N LEU B 517 -21.70 -28.27 -15.34
CA LEU B 517 -21.82 -28.53 -16.77
C LEU B 517 -21.97 -30.02 -17.09
N LEU B 518 -21.59 -30.90 -16.17
CA LEU B 518 -21.76 -32.32 -16.43
C LEU B 518 -23.19 -32.80 -16.27
N ASN B 519 -24.13 -31.90 -15.97
CA ASN B 519 -25.54 -32.26 -16.04
C ASN B 519 -26.00 -32.38 -17.49
N ASN B 520 -25.42 -31.57 -18.38
CA ASN B 520 -25.65 -31.69 -19.82
C ASN B 520 -24.74 -32.80 -20.33
N GLU B 521 -25.32 -33.98 -20.60
CA GLU B 521 -24.52 -35.11 -21.04
C GLU B 521 -23.77 -34.83 -22.33
N ALA B 522 -24.19 -33.81 -23.08
CA ALA B 522 -23.48 -33.43 -24.30
C ALA B 522 -22.21 -32.64 -24.01
N HIS B 523 -21.97 -32.25 -22.76
CA HIS B 523 -20.75 -31.56 -22.40
C HIS B 523 -19.58 -32.53 -22.39
N VAL B 524 -18.52 -32.18 -23.12
CA VAL B 524 -17.38 -33.05 -23.32
C VAL B 524 -16.13 -32.33 -22.79
N ILE B 525 -15.45 -32.97 -21.84
CA ILE B 525 -14.19 -32.47 -21.31
C ILE B 525 -13.07 -33.22 -22.01
N THR B 526 -12.25 -32.51 -22.79
CA THR B 526 -11.17 -33.17 -23.50
C THR B 526 -9.83 -32.71 -22.96
N MET B 527 -8.82 -33.56 -23.16
CA MET B 527 -7.45 -33.25 -22.77
C MET B 527 -6.50 -33.94 -23.73
N ARG B 528 -5.45 -33.24 -24.15
CA ARG B 528 -4.43 -33.83 -24.99
C ARG B 528 -3.43 -34.65 -24.17
N VAL B 529 -3.19 -35.91 -24.59
CA VAL B 529 -2.23 -36.79 -23.94
C VAL B 529 -1.26 -37.36 -24.97
N LYS B 530 -0.16 -37.93 -24.48
CA LYS B 530 0.85 -38.47 -25.37
C LYS B 530 0.38 -39.77 -26.04
N LYS B 531 0.79 -39.95 -27.29
CA LYS B 531 0.62 -41.22 -28.01
C LYS B 531 1.84 -42.11 -27.79
ZN ZN C . -26.01 27.56 5.87
PB ADP D . -17.66 5.04 15.46
O1B ADP D . -16.73 6.16 15.89
O2B ADP D . -17.02 3.67 15.49
O3B ADP D . -18.48 5.34 14.23
PA ADP D . -18.39 4.55 18.14
O1A ADP D . -18.65 3.08 18.29
O2A ADP D . -17.05 5.14 18.48
O3A ADP D . -18.76 4.98 16.63
O5' ADP D . -19.53 5.35 18.96
C5' ADP D . -19.21 6.57 19.61
C4' ADP D . -20.14 6.74 20.80
O4' ADP D . -21.51 6.67 20.40
C3' ADP D . -19.91 5.66 21.84
O3' ADP D . -19.53 6.27 23.07
C2' ADP D . -21.25 4.97 22.01
O2' ADP D . -21.54 4.75 23.38
C1' ADP D . -22.24 5.94 21.38
N9 ADP D . -23.40 5.25 20.77
C8 ADP D . -23.36 4.37 19.75
N7 ADP D . -24.59 3.93 19.44
C5 ADP D . -25.47 4.53 20.27
C6 ADP D . -26.93 4.54 20.49
N6 ADP D . -27.76 3.77 19.73
N1 ADP D . -27.42 5.32 21.47
C2 ADP D . -26.63 6.10 22.23
N3 ADP D . -25.29 6.15 22.09
C4 ADP D . -24.66 5.41 21.14
MG MG E . -14.97 2.66 14.82
P PO4 F . 3.01 37.23 9.37
O1 PO4 F . 4.12 37.72 10.37
O2 PO4 F . 2.97 35.66 9.36
O3 PO4 F . 1.62 37.81 9.81
O4 PO4 F . 3.36 37.74 7.93
ZN ZN G . 9.41 -23.24 -29.38
PB ADP H . 19.02 -5.19 -13.36
O1B ADP H . 18.81 -6.52 -12.68
O2B ADP H . 19.15 -4.03 -12.42
O3B ADP H . 18.10 -4.95 -14.53
PA ADP H . 21.81 -5.44 -13.18
O1A ADP H . 22.38 -4.06 -13.01
O2A ADP H . 21.56 -6.31 -11.96
O3A ADP H . 20.47 -5.33 -14.05
O5' ADP H . 22.84 -6.22 -14.15
C5' ADP H . 23.16 -7.59 -13.91
C4' ADP H . 24.54 -7.90 -14.46
O4' ADP H . 24.63 -7.52 -15.84
C3' ADP H . 25.64 -7.12 -13.73
O3' ADP H . 26.55 -8.04 -13.11
C2' ADP H . 26.36 -6.31 -14.79
O2' ADP H . 27.78 -6.44 -14.63
C1' ADP H . 25.91 -6.95 -16.10
N9 ADP H . 25.84 -5.97 -17.21
C8 ADP H . 25.10 -4.86 -17.25
N7 ADP H . 25.28 -4.19 -18.42
C5 ADP H . 26.15 -4.90 -19.16
C6 ADP H . 26.77 -4.77 -20.51
N6 ADP H . 26.49 -3.71 -21.31
N1 ADP H . 27.64 -5.73 -20.89
C2 ADP H . 27.92 -6.78 -20.10
N3 ADP H . 27.40 -6.96 -18.88
C4 ADP H . 26.52 -6.06 -18.36
MG MG I . 18.07 -3.77 -10.51
#